data_6WHK
#
_entry.id   6WHK
#
_cell.length_a   69.570
_cell.length_b   76.330
_cell.length_c   126.170
_cell.angle_alpha   90.000
_cell.angle_beta   90.000
_cell.angle_gamma   90.000
#
_symmetry.space_group_name_H-M   'P 21 21 21'
#
loop_
_entity.id
_entity.type
_entity.pdbx_description
1 polymer 'Hemagglutinin HA1 chain'
2 polymer 'Fab Heavy Chain'
3 polymer 'Fab Light Chain'
4 branched 2-acetamido-2-deoxy-beta-D-glucopyranose-(1-4)-2-acetamido-2-deoxy-beta-D-glucopyranose
5 non-polymer 2-{2-[2-(2-{2-[2-(2-ETHOXY-ETHOXY)-ETHOXY]-ETHOXY}-ETHOXY)-ETHOXY]-ETHOXY}-ETHANOL
6 water water
#
loop_
_entity_poly.entity_id
_entity_poly.type
_entity_poly.pdbx_seq_one_letter_code
_entity_poly.pdbx_strand_id
1 'polypeptide(L)'
;ASLKGIAPLQLGNCSVAGWILGNPECESLISKESWSYIVETPNPENGTCYPGYFADYEELREQLSSVSSFERFEIFPKES
SWPNHTVTGVTASCSHNGKSSFYRNLLWLTEKNGLYPNLSNSYVNNKEKEVLVLWGVHHPSNIRDQRAIYHTENAYVSVV
SSHYSRRFTPEIAKRPKVRGQEGRINYYWTLLEPGDTIIFEANGNLIAPWYAFALSRGFGSGGSLEVLFQ
;
A
2 'polypeptide(L)'
;ASEVQLVESGGGLVQPGRSLRLSCTASGFTFGDYGMSWFRQAPGKGLEWVGFIRSKVYGGTTEYAASVKGRFIISRDDSK
SIAYLQMNSLKTEDTAVYYCTRDWVRDIILLPALHLDYWGQGTLVTVSGASTKGPSVFPLAPSSKSTSGGTAALGCLVKD
YFPEPVTVSWNSGALTSGVHTFPAVLQSSGLYSLSSVVTVPSSSLGTQTYICNVNHKPSNTKVDKRVEPKSCDKHHHHHH
;
C
3 'polypeptide(L)'
;ASQSVLTQPPSVSAAPGQKVTISCSGSSSNIGNNYVSWFQQLPGTAPKLLIYDDDKRPSGIPDRFSGSKSGTSATLGITG
LQTGDEADYYCGTWDSRLSAGVVFGGGTKLTVLGQPKGAPSVTLFPPSSEELQANKATLVCLISDFYPGAVTVAWKADSS
PVKAGVETTTPSKQSNNKYAASSYLSLTPEQWKSHRSYSCQVTHEGSTVEKTVAPTECS
;
B
#
# COMPACT_ATOMS: atom_id res chain seq x y z
N PRO A 8 41.52 36.71 -6.60
CA PRO A 8 41.53 35.27 -6.29
C PRO A 8 40.23 34.78 -5.70
N LEU A 9 39.63 33.77 -6.33
CA LEU A 9 38.38 33.15 -5.87
C LEU A 9 38.61 31.67 -5.71
N GLN A 10 38.53 31.18 -4.48
CA GLN A 10 38.80 29.78 -4.17
C GLN A 10 37.47 29.03 -4.10
N LEU A 11 37.20 28.22 -5.12
CA LEU A 11 36.01 27.37 -5.14
C LEU A 11 36.17 26.10 -4.32
N GLY A 12 37.33 25.88 -3.72
CA GLY A 12 37.54 24.67 -2.93
C GLY A 12 37.33 23.44 -3.80
N ASN A 13 36.50 22.52 -3.31
CA ASN A 13 36.25 21.26 -4.00
C ASN A 13 34.98 21.29 -4.84
N CYS A 14 34.72 22.42 -5.49
CA CYS A 14 33.54 22.57 -6.34
C CYS A 14 33.95 23.09 -7.71
N SER A 15 33.33 22.54 -8.75
CA SER A 15 33.56 23.05 -10.10
C SER A 15 32.81 24.38 -10.28
N VAL A 16 33.12 25.06 -11.38
CA VAL A 16 32.39 26.28 -11.72
C VAL A 16 30.91 25.98 -11.90
N ALA A 17 30.59 24.83 -12.51
CA ALA A 17 29.20 24.44 -12.69
C ALA A 17 28.50 24.23 -11.35
N GLY A 18 29.11 23.45 -10.46
CA GLY A 18 28.49 23.19 -9.18
C GLY A 18 28.34 24.41 -8.31
N TRP A 19 29.24 25.38 -8.48
CA TRP A 19 29.19 26.59 -7.67
C TRP A 19 28.20 27.60 -8.24
N ILE A 20 28.16 27.75 -9.57
CA ILE A 20 27.24 28.71 -10.16
C ILE A 20 25.81 28.19 -10.17
N LEU A 21 25.62 26.87 -10.19
CA LEU A 21 24.28 26.30 -10.13
C LEU A 21 23.77 26.18 -8.70
N GLY A 22 24.65 26.22 -7.72
CA GLY A 22 24.24 26.09 -6.33
C GLY A 22 24.07 24.67 -5.89
N ASN A 23 25.08 23.83 -6.13
CA ASN A 23 25.05 22.47 -5.61
C ASN A 23 24.88 22.49 -4.10
N PRO A 24 24.03 21.62 -3.55
CA PRO A 24 23.76 21.68 -2.10
C PRO A 24 25.00 21.46 -1.25
N GLU A 25 26.01 20.76 -1.76
CA GLU A 25 27.22 20.47 -1.00
C GLU A 25 28.34 21.47 -1.29
N CYS A 26 27.99 22.69 -1.68
CA CYS A 26 28.95 23.76 -1.87
C CYS A 26 28.47 25.08 -1.27
N GLU A 27 27.43 25.03 -0.43
CA GLU A 27 26.87 26.26 0.13
C GLU A 27 27.85 26.99 1.02
N SER A 28 28.77 26.26 1.64
CA SER A 28 29.79 26.88 2.51
C SER A 28 31.00 27.31 1.69
N LEU A 29 30.76 28.05 0.62
CA LEU A 29 31.80 28.69 -0.18
C LEU A 29 31.62 30.20 -0.03
N ILE A 30 32.65 30.87 0.49
CA ILE A 30 32.52 32.28 0.82
C ILE A 30 32.43 33.09 -0.46
N SER A 31 31.31 33.79 -0.63
CA SER A 31 31.04 34.59 -1.81
C SER A 31 31.86 35.87 -1.78
N LYS A 32 32.44 36.23 -2.93
CA LYS A 32 33.15 37.50 -3.03
C LYS A 32 32.87 38.22 -4.33
N GLU A 33 32.73 39.55 -4.23
CA GLU A 33 32.21 40.41 -5.29
C GLU A 33 33.26 40.79 -6.34
N SER A 34 34.51 40.40 -6.16
CA SER A 34 35.55 40.76 -7.11
C SER A 34 36.71 39.78 -6.97
N TRP A 35 37.12 39.18 -8.08
CA TRP A 35 38.22 38.23 -8.06
C TRP A 35 39.00 38.32 -9.36
N SER A 36 40.30 38.05 -9.26
CA SER A 36 41.19 38.14 -10.41
C SER A 36 41.09 36.91 -11.31
N TYR A 37 40.99 35.73 -10.70
CA TYR A 37 40.87 34.46 -11.40
C TYR A 37 40.23 33.47 -10.45
N ILE A 38 39.98 32.26 -10.94
CA ILE A 38 39.32 31.22 -10.16
C ILE A 38 40.30 30.08 -9.93
N VAL A 39 40.44 29.69 -8.67
CA VAL A 39 41.29 28.57 -8.28
C VAL A 39 40.42 27.34 -8.11
N GLU A 40 40.73 26.28 -8.85
CA GLU A 40 40.05 25.00 -8.78
C GLU A 40 41.01 23.96 -8.19
N THR A 41 40.58 22.70 -8.20
CA THR A 41 41.36 21.57 -7.70
C THR A 41 41.41 20.48 -8.75
N PRO A 42 42.29 19.47 -8.59
CA PRO A 42 42.51 18.52 -9.69
C PRO A 42 41.24 17.83 -10.18
N ASN A 43 40.29 17.55 -9.31
CA ASN A 43 38.96 17.14 -9.72
C ASN A 43 38.00 17.42 -8.57
N PRO A 44 37.41 18.60 -8.53
CA PRO A 44 36.46 18.94 -7.45
C PRO A 44 35.36 17.89 -7.32
N GLU A 45 35.10 17.49 -6.07
CA GLU A 45 34.21 16.36 -5.83
C GLU A 45 32.77 16.65 -6.25
N ASN A 46 32.34 17.91 -6.16
CA ASN A 46 30.93 18.27 -6.32
C ASN A 46 30.76 19.17 -7.53
N GLY A 47 30.12 18.65 -8.58
CA GLY A 47 29.80 19.42 -9.77
C GLY A 47 28.31 19.46 -10.01
N THR A 48 27.87 18.90 -11.13
CA THR A 48 26.45 18.81 -11.45
C THR A 48 25.88 17.54 -10.81
N CYS A 49 25.27 17.70 -9.63
CA CYS A 49 24.76 16.53 -8.90
C CYS A 49 23.69 15.79 -9.68
N TYR A 50 22.95 16.50 -10.53
CA TYR A 50 22.06 15.82 -11.47
C TYR A 50 22.73 15.76 -12.83
N PRO A 51 22.83 14.59 -13.45
CA PRO A 51 23.60 14.48 -14.70
C PRO A 51 22.93 15.21 -15.86
N GLY A 52 23.76 15.69 -16.76
CA GLY A 52 23.28 16.40 -17.94
C GLY A 52 24.38 17.20 -18.58
N TYR A 53 24.06 17.76 -19.75
CA TYR A 53 25.01 18.54 -20.52
C TYR A 53 24.92 20.01 -20.14
N PHE A 54 26.05 20.59 -19.75
CA PHE A 54 26.15 22.01 -19.42
C PHE A 54 26.53 22.77 -20.68
N ALA A 55 25.58 23.51 -21.25
CA ALA A 55 25.81 24.18 -22.53
C ALA A 55 26.78 25.34 -22.35
N ASP A 56 27.76 25.41 -23.26
CA ASP A 56 28.73 26.51 -23.31
C ASP A 56 29.45 26.68 -21.97
N TYR A 57 29.89 25.55 -21.40
CA TYR A 57 30.56 25.58 -20.10
C TYR A 57 31.88 26.34 -20.19
N GLU A 58 32.69 26.05 -21.20
CA GLU A 58 33.98 26.72 -21.34
C GLU A 58 33.80 28.22 -21.52
N GLU A 59 32.82 28.63 -22.33
CA GLU A 59 32.54 30.06 -22.49
C GLU A 59 32.10 30.68 -21.18
N LEU A 60 31.37 29.94 -20.35
CA LEU A 60 30.95 30.46 -19.06
C LEU A 60 32.14 30.63 -18.12
N ARG A 61 33.03 29.64 -18.08
CA ARG A 61 34.23 29.75 -17.25
C ARG A 61 35.09 30.93 -17.69
N GLU A 62 35.14 31.19 -19.00
CA GLU A 62 35.85 32.37 -19.48
C GLU A 62 35.16 33.66 -19.06
N GLN A 63 33.82 33.68 -19.11
CA GLN A 63 33.10 34.90 -18.78
C GLN A 63 33.16 35.22 -17.30
N LEU A 64 33.33 34.19 -16.45
CA LEU A 64 33.43 34.39 -15.01
C LEU A 64 34.88 34.42 -14.53
N SER A 65 35.84 34.39 -15.46
CA SER A 65 37.24 34.30 -15.07
C SER A 65 37.63 35.41 -14.11
N SER A 66 37.29 36.65 -14.43
CA SER A 66 37.58 37.80 -13.57
C SER A 66 36.36 38.69 -13.54
N VAL A 67 36.08 39.26 -12.37
CA VAL A 67 34.84 39.97 -12.13
C VAL A 67 35.13 41.15 -11.21
N SER A 68 34.55 42.31 -11.52
CA SER A 68 34.69 43.49 -10.67
C SER A 68 33.48 43.75 -9.78
N SER A 69 32.35 43.09 -10.06
CA SER A 69 31.14 43.20 -9.24
C SER A 69 30.35 41.92 -9.43
N PHE A 70 29.88 41.34 -8.32
CA PHE A 70 29.22 40.03 -8.40
C PHE A 70 28.25 39.92 -7.22
N GLU A 71 26.95 40.04 -7.49
CA GLU A 71 25.92 39.92 -6.48
C GLU A 71 24.93 38.85 -6.89
N ARG A 72 24.64 37.94 -5.96
CA ARG A 72 23.63 36.91 -6.17
C ARG A 72 22.29 37.40 -5.62
N PHE A 73 21.24 37.29 -6.44
CA PHE A 73 19.93 37.77 -6.06
C PHE A 73 18.85 36.82 -6.54
N GLU A 74 17.71 36.84 -5.85
CA GLU A 74 16.59 35.96 -6.15
C GLU A 74 15.80 36.54 -7.32
N ILE A 75 15.89 35.89 -8.48
CA ILE A 75 15.26 36.42 -9.69
C ILE A 75 13.77 36.10 -9.71
N PHE A 76 13.38 34.91 -9.28
CA PHE A 76 11.98 34.52 -9.18
C PHE A 76 11.74 33.97 -7.79
N PRO A 77 11.08 34.71 -6.90
CA PRO A 77 10.85 34.20 -5.54
C PRO A 77 10.01 32.92 -5.54
N LYS A 78 10.50 31.92 -4.80
CA LYS A 78 9.87 30.60 -4.84
C LYS A 78 8.43 30.64 -4.34
N GLU A 79 8.18 31.38 -3.26
CA GLU A 79 6.87 31.38 -2.63
C GLU A 79 5.84 32.20 -3.38
N SER A 80 6.25 32.94 -4.41
CA SER A 80 5.37 33.92 -5.04
C SER A 80 5.31 33.81 -6.56
N SER A 81 6.25 33.12 -7.21
CA SER A 81 6.35 33.15 -8.66
C SER A 81 5.50 32.08 -9.34
N TRP A 82 5.28 30.94 -8.70
CA TRP A 82 4.59 29.80 -9.30
C TRP A 82 3.49 29.32 -8.36
N PRO A 83 2.40 30.08 -8.23
CA PRO A 83 1.33 29.67 -7.31
C PRO A 83 0.56 28.46 -7.80
N ASN A 84 0.48 28.26 -9.12
CA ASN A 84 -0.29 27.17 -9.71
C ASN A 84 0.59 26.01 -10.13
N HIS A 85 1.81 25.92 -9.61
CA HIS A 85 2.72 24.82 -9.88
C HIS A 85 3.36 24.36 -8.57
N THR A 86 3.69 23.08 -8.50
CA THR A 86 4.41 22.56 -7.35
C THR A 86 5.88 22.98 -7.41
N VAL A 87 6.42 23.38 -6.28
CA VAL A 87 7.76 23.97 -6.21
C VAL A 87 8.70 23.22 -5.30
N THR A 88 8.25 22.20 -4.59
CA THR A 88 9.05 21.53 -3.56
C THR A 88 9.83 20.34 -4.10
N GLY A 89 10.08 20.26 -5.40
CA GLY A 89 10.81 19.14 -5.96
C GLY A 89 12.23 19.02 -5.46
N VAL A 90 12.59 17.84 -4.96
CA VAL A 90 13.94 17.54 -4.51
C VAL A 90 14.33 16.18 -5.06
N THR A 91 15.65 15.93 -5.10
CA THR A 91 16.17 14.68 -5.62
C THR A 91 17.23 14.13 -4.67
N ALA A 92 17.29 12.80 -4.60
CA ALA A 92 18.31 12.14 -3.79
C ALA A 92 19.71 12.33 -4.36
N SER A 93 19.83 12.71 -5.63
CA SER A 93 21.15 12.92 -6.23
C SER A 93 21.82 14.17 -5.67
N CYS A 94 21.06 15.24 -5.49
CA CYS A 94 21.57 16.48 -4.92
C CYS A 94 21.25 16.55 -3.42
N SER A 95 21.83 15.61 -2.67
CA SER A 95 21.54 15.53 -1.26
C SER A 95 22.40 16.50 -0.45
N HIS A 96 21.95 16.79 0.76
CA HIS A 96 22.64 17.72 1.64
C HIS A 96 22.29 17.33 3.08
N ASN A 97 23.33 17.08 3.89
CA ASN A 97 23.15 16.55 5.25
C ASN A 97 22.34 15.26 5.24
N GLY A 98 22.57 14.43 4.22
CA GLY A 98 21.92 13.14 4.12
C GLY A 98 20.48 13.17 3.68
N LYS A 99 19.94 14.34 3.31
CA LYS A 99 18.56 14.48 2.91
C LYS A 99 18.46 15.07 1.52
N SER A 100 17.47 14.62 0.76
CA SER A 100 17.32 15.04 -0.64
C SER A 100 17.05 16.54 -0.72
N SER A 101 17.70 17.19 -1.68
CA SER A 101 17.48 18.61 -1.95
C SER A 101 17.74 18.85 -3.43
N PHE A 102 17.90 20.12 -3.81
CA PHE A 102 18.10 20.51 -5.19
C PHE A 102 19.08 21.68 -5.24
N TYR A 103 19.42 22.12 -6.45
CA TYR A 103 20.28 23.29 -6.63
C TYR A 103 19.68 24.50 -5.93
N ARG A 104 20.53 25.22 -5.19
CA ARG A 104 20.07 26.38 -4.44
C ARG A 104 19.83 27.60 -5.32
N ASN A 105 20.04 27.49 -6.62
CA ASN A 105 19.75 28.56 -7.56
C ASN A 105 18.70 28.19 -8.60
N LEU A 106 18.12 26.99 -8.50
CA LEU A 106 17.14 26.52 -9.46
C LEU A 106 15.89 26.05 -8.73
N LEU A 107 14.91 25.59 -9.50
CA LEU A 107 13.62 25.18 -8.94
C LEU A 107 12.99 24.17 -9.88
N TRP A 108 12.69 22.98 -9.36
CA TRP A 108 12.07 21.91 -10.17
C TRP A 108 10.55 22.08 -10.09
N LEU A 109 9.98 22.74 -11.09
CA LEU A 109 8.54 22.91 -11.17
C LEU A 109 7.89 21.63 -11.66
N THR A 110 6.90 21.14 -10.91
CA THR A 110 6.13 19.96 -11.29
C THR A 110 4.64 20.29 -11.21
N GLU A 111 3.80 19.30 -11.51
CA GLU A 111 2.37 19.51 -11.57
C GLU A 111 1.81 19.75 -10.17
N LYS A 112 0.69 20.48 -10.11
CA LYS A 112 -0.02 20.75 -8.88
C LYS A 112 -1.51 20.48 -9.09
N ASN A 113 -2.07 19.64 -8.23
CA ASN A 113 -3.50 19.29 -8.29
C ASN A 113 -3.87 18.71 -9.65
N GLY A 114 -2.97 17.91 -10.22
CA GLY A 114 -3.20 17.27 -11.50
C GLY A 114 -2.98 18.15 -12.71
N LEU A 115 -2.53 19.39 -12.53
CA LEU A 115 -2.39 20.32 -13.63
C LEU A 115 -0.99 20.90 -13.67
N TYR A 116 -0.55 21.23 -14.88
CA TYR A 116 0.66 22.04 -15.11
C TYR A 116 0.27 23.13 -16.08
N PRO A 117 -0.24 24.25 -15.59
CA PRO A 117 -0.69 25.32 -16.49
C PRO A 117 0.47 25.95 -17.24
N ASN A 118 0.13 26.56 -18.37
CA ASN A 118 1.12 27.32 -19.12
C ASN A 118 1.66 28.46 -18.27
N LEU A 119 2.98 28.54 -18.16
CA LEU A 119 3.62 29.59 -17.39
C LEU A 119 4.31 30.58 -18.33
N SER A 120 4.40 31.83 -17.87
CA SER A 120 5.13 32.87 -18.60
C SER A 120 5.66 33.85 -17.56
N ASN A 121 6.96 33.77 -17.28
CA ASN A 121 7.60 34.60 -16.26
C ASN A 121 8.63 35.51 -16.91
N SER A 122 8.52 36.81 -16.65
CA SER A 122 9.43 37.80 -17.17
C SER A 122 10.38 38.28 -16.09
N TYR A 123 11.61 38.58 -16.48
CA TYR A 123 12.54 39.30 -15.63
C TYR A 123 13.11 40.47 -16.40
N VAL A 124 13.18 41.63 -15.75
CA VAL A 124 13.72 42.85 -16.35
C VAL A 124 15.00 43.20 -15.61
N ASN A 125 16.06 43.49 -16.37
CA ASN A 125 17.37 43.79 -15.81
C ASN A 125 17.39 45.25 -15.40
N ASN A 126 17.01 45.52 -14.15
CA ASN A 126 17.05 46.85 -13.58
C ASN A 126 18.30 47.10 -12.76
N LYS A 127 19.27 46.20 -12.81
CA LYS A 127 20.47 46.27 -11.98
C LYS A 127 21.52 47.23 -12.51
N GLU A 128 21.28 47.86 -13.66
CA GLU A 128 22.30 48.67 -14.33
C GLU A 128 23.60 47.90 -14.52
N LYS A 129 23.45 46.58 -14.71
CA LYS A 129 24.57 45.66 -14.89
C LYS A 129 24.07 44.55 -15.81
N GLU A 130 24.95 43.62 -16.14
CA GLU A 130 24.54 42.42 -16.87
C GLU A 130 24.33 41.29 -15.87
N VAL A 131 23.21 40.59 -16.01
CA VAL A 131 22.87 39.52 -15.07
C VAL A 131 23.12 38.19 -15.77
N LEU A 132 23.64 37.23 -14.99
CA LEU A 132 23.81 35.87 -15.47
C LEU A 132 22.60 35.05 -15.02
N VAL A 133 21.87 34.50 -15.97
CA VAL A 133 20.66 33.73 -15.70
C VAL A 133 20.91 32.29 -16.13
N LEU A 134 20.58 31.35 -15.27
CA LEU A 134 20.75 29.93 -15.54
C LEU A 134 19.43 29.19 -15.33
N TRP A 135 19.12 28.28 -16.25
CA TRP A 135 17.94 27.45 -16.14
C TRP A 135 18.28 26.06 -16.66
N GLY A 136 17.31 25.16 -16.62
CA GLY A 136 17.53 23.80 -17.08
C GLY A 136 16.30 23.25 -17.78
N VAL A 137 16.55 22.30 -18.67
CA VAL A 137 15.50 21.58 -19.39
C VAL A 137 15.58 20.12 -18.97
N HIS A 138 14.46 19.59 -18.47
CA HIS A 138 14.43 18.24 -17.94
C HIS A 138 14.15 17.23 -19.05
N HIS A 139 14.98 16.19 -19.11
CA HIS A 139 14.81 15.09 -20.06
C HIS A 139 14.56 13.82 -19.25
N PRO A 140 13.30 13.46 -19.00
CA PRO A 140 13.01 12.21 -18.30
C PRO A 140 13.42 11.01 -19.11
N SER A 141 13.44 9.86 -18.45
CA SER A 141 13.93 8.62 -19.05
C SER A 141 12.83 7.79 -19.71
N ASN A 142 11.57 8.09 -19.44
CA ASN A 142 10.46 7.35 -20.05
C ASN A 142 9.22 8.23 -20.00
N ILE A 143 8.21 7.83 -20.78
CA ILE A 143 6.99 8.63 -20.87
C ILE A 143 6.17 8.54 -19.58
N ARG A 144 6.24 7.41 -18.88
CA ARG A 144 5.48 7.27 -17.64
C ARG A 144 5.98 8.22 -16.56
N ASP A 145 7.26 8.56 -16.59
CA ASP A 145 7.78 9.59 -15.69
C ASP A 145 7.36 10.97 -16.13
N GLN A 146 7.31 11.21 -17.45
CA GLN A 146 6.87 12.51 -17.96
C GLN A 146 5.43 12.80 -17.53
N ARG A 147 4.57 11.78 -17.57
CA ARG A 147 3.18 11.97 -17.13
C ARG A 147 3.11 12.21 -15.64
N ALA A 148 3.78 11.37 -14.84
CA ALA A 148 3.69 11.48 -13.40
C ALA A 148 4.24 12.82 -12.90
N ILE A 149 5.27 13.35 -13.56
CA ILE A 149 5.89 14.57 -13.06
C ILE A 149 5.14 15.81 -13.54
N TYR A 150 4.66 15.80 -14.79
CA TYR A 150 4.10 17.01 -15.39
C TYR A 150 2.65 16.88 -15.87
N HIS A 151 2.13 15.67 -16.03
CA HIS A 151 0.76 15.44 -16.51
C HIS A 151 0.54 15.98 -17.92
N THR A 152 1.63 16.21 -18.66
CA THR A 152 1.54 16.57 -20.07
C THR A 152 2.52 15.69 -20.86
N GLU A 153 2.17 15.40 -22.11
CA GLU A 153 2.98 14.49 -22.92
C GLU A 153 3.84 15.21 -23.94
N ASN A 154 3.39 16.35 -24.46
CA ASN A 154 4.12 17.12 -25.47
C ASN A 154 4.48 18.47 -24.84
N ALA A 155 5.63 18.53 -24.19
CA ALA A 155 6.06 19.71 -23.48
C ALA A 155 6.90 20.61 -24.39
N TYR A 156 6.83 21.92 -24.12
CA TYR A 156 7.66 22.91 -24.80
C TYR A 156 8.28 23.82 -23.75
N VAL A 157 9.46 24.35 -24.08
CA VAL A 157 10.14 25.34 -23.26
C VAL A 157 10.77 26.35 -24.20
N SER A 158 10.45 27.63 -24.01
CA SER A 158 11.00 28.69 -24.85
C SER A 158 11.54 29.81 -23.97
N VAL A 159 12.62 30.42 -24.43
CA VAL A 159 13.25 31.55 -23.76
C VAL A 159 13.42 32.65 -24.80
N VAL A 160 12.98 33.86 -24.47
CA VAL A 160 13.00 34.97 -25.41
C VAL A 160 13.62 36.18 -24.74
N SER A 161 14.75 36.64 -25.29
CA SER A 161 15.37 37.91 -24.94
C SER A 161 15.77 38.61 -26.23
N SER A 162 16.32 39.82 -26.10
CA SER A 162 16.74 40.54 -27.29
C SER A 162 17.93 39.86 -27.96
N HIS A 163 18.88 39.38 -27.17
CA HIS A 163 20.08 38.75 -27.69
C HIS A 163 20.13 37.25 -27.44
N TYR A 164 19.06 36.66 -26.89
CA TYR A 164 18.98 35.22 -26.70
C TYR A 164 17.53 34.80 -26.89
N SER A 165 17.29 33.90 -27.84
CA SER A 165 15.95 33.38 -28.09
C SER A 165 16.09 31.97 -28.64
N ARG A 166 15.43 31.01 -27.99
CA ARG A 166 15.57 29.61 -28.37
C ARG A 166 14.34 28.82 -27.95
N ARG A 167 13.87 27.98 -28.85
CA ARG A 167 12.83 26.99 -28.54
C ARG A 167 13.51 25.69 -28.14
N PHE A 168 13.22 25.20 -26.95
CA PHE A 168 13.94 24.06 -26.42
C PHE A 168 13.22 22.76 -26.73
N THR A 169 14.01 21.67 -26.77
CA THR A 169 13.55 20.36 -27.21
C THR A 169 13.57 19.39 -26.04
N PRO A 170 12.51 19.33 -25.25
CA PRO A 170 12.47 18.39 -24.09
C PRO A 170 12.19 16.96 -24.55
N GLU A 171 13.23 16.29 -25.02
CA GLU A 171 13.09 14.94 -25.56
C GLU A 171 13.29 13.91 -24.46
N ILE A 172 12.45 12.88 -24.48
CA ILE A 172 12.54 11.77 -23.54
C ILE A 172 13.50 10.72 -24.10
N ALA A 173 14.45 10.29 -23.27
CA ALA A 173 15.45 9.33 -23.70
C ALA A 173 16.07 8.67 -22.48
N LYS A 174 16.14 7.34 -22.49
CA LYS A 174 16.77 6.59 -21.40
C LYS A 174 18.28 6.55 -21.64
N ARG A 175 19.03 7.21 -20.78
CA ARG A 175 20.48 7.27 -20.86
C ARG A 175 21.11 6.38 -19.79
N PRO A 176 22.38 6.05 -19.92
CA PRO A 176 23.03 5.21 -18.91
C PRO A 176 22.88 5.79 -17.51
N LYS A 177 22.65 4.92 -16.53
CA LYS A 177 22.46 5.34 -15.15
C LYS A 177 23.72 5.96 -14.60
N VAL A 178 23.66 7.25 -14.28
CA VAL A 178 24.76 7.98 -13.65
C VAL A 178 24.20 8.70 -12.43
N ARG A 179 24.87 8.53 -11.29
CA ARG A 179 24.38 9.03 -10.00
C ARG A 179 22.95 8.56 -9.74
N GLY A 180 22.68 7.31 -10.10
CA GLY A 180 21.39 6.71 -9.89
C GLY A 180 20.26 7.27 -10.73
N GLN A 181 20.57 7.96 -11.82
CA GLN A 181 19.56 8.59 -12.66
C GLN A 181 19.75 8.19 -14.11
N GLU A 182 18.67 7.79 -14.76
CA GLU A 182 18.67 7.53 -16.20
C GLU A 182 18.13 8.69 -17.00
N GLY A 183 17.55 9.70 -16.34
CA GLY A 183 17.17 10.93 -16.99
C GLY A 183 18.27 11.98 -16.90
N ARG A 184 18.04 13.11 -17.54
CA ARG A 184 19.05 14.16 -17.62
C ARG A 184 18.40 15.53 -17.48
N ILE A 185 19.20 16.48 -17.01
CA ILE A 185 18.84 17.89 -17.00
C ILE A 185 19.92 18.63 -17.79
N ASN A 186 19.54 19.23 -18.91
CA ASN A 186 20.45 20.03 -19.70
C ASN A 186 20.42 21.47 -19.20
N TYR A 187 21.57 22.00 -18.82
CA TYR A 187 21.68 23.33 -18.24
C TYR A 187 22.07 24.34 -19.31
N TYR A 188 21.34 25.47 -19.36
CA TYR A 188 21.61 26.54 -20.31
C TYR A 188 21.69 27.86 -19.55
N TRP A 189 22.33 28.84 -20.17
CA TRP A 189 22.56 30.13 -19.54
C TRP A 189 22.70 31.20 -20.61
N THR A 190 22.64 32.46 -20.17
CA THR A 190 22.87 33.60 -21.04
C THR A 190 23.16 34.83 -20.19
N LEU A 191 23.83 35.80 -20.79
CA LEU A 191 24.09 37.09 -20.16
C LEU A 191 23.06 38.08 -20.65
N LEU A 192 22.42 38.78 -19.72
CA LEU A 192 21.33 39.70 -20.01
C LEU A 192 21.82 41.13 -19.85
N GLU A 193 21.73 41.91 -20.92
CA GLU A 193 22.18 43.28 -20.89
C GLU A 193 21.23 44.15 -20.07
N PRO A 194 21.71 45.28 -19.56
CA PRO A 194 20.85 46.16 -18.75
C PRO A 194 19.64 46.63 -19.53
N GLY A 195 18.46 46.49 -18.92
CA GLY A 195 17.21 46.87 -19.53
C GLY A 195 16.53 45.79 -20.34
N ASP A 196 17.24 44.74 -20.71
CA ASP A 196 16.65 43.68 -21.51
C ASP A 196 15.73 42.82 -20.65
N THR A 197 14.73 42.21 -21.30
CA THR A 197 13.74 41.39 -20.64
C THR A 197 13.81 39.97 -21.18
N ILE A 198 14.07 39.01 -20.29
CA ILE A 198 14.04 37.59 -20.63
C ILE A 198 12.70 37.02 -20.18
N ILE A 199 12.11 36.17 -21.02
CA ILE A 199 10.80 35.60 -20.75
C ILE A 199 10.90 34.09 -20.86
N PHE A 200 10.45 33.38 -19.82
CA PHE A 200 10.41 31.93 -19.82
C PHE A 200 8.96 31.49 -20.03
N GLU A 201 8.77 30.54 -20.95
CA GLU A 201 7.46 29.99 -21.23
C GLU A 201 7.59 28.48 -21.35
N ALA A 202 6.67 27.75 -20.68
CA ALA A 202 6.75 26.30 -20.66
C ALA A 202 5.42 25.73 -20.20
N ASN A 203 5.13 24.52 -20.66
CA ASN A 203 4.06 23.69 -20.13
C ASN A 203 4.61 22.43 -19.49
N GLY A 204 5.89 22.41 -19.17
CA GLY A 204 6.52 21.28 -18.52
C GLY A 204 8.02 21.28 -18.74
N ASN A 205 8.71 20.51 -17.90
CA ASN A 205 10.13 20.17 -18.05
C ASN A 205 11.06 21.37 -17.92
N LEU A 206 10.64 22.43 -17.21
CA LEU A 206 11.48 23.61 -17.05
C LEU A 206 12.08 23.63 -15.65
N ILE A 207 13.41 23.63 -15.57
CA ILE A 207 14.12 23.87 -14.32
C ILE A 207 14.33 25.37 -14.24
N ALA A 208 13.41 26.06 -13.58
CA ALA A 208 13.34 27.51 -13.61
C ALA A 208 14.43 28.13 -12.76
N PRO A 209 14.91 29.31 -13.15
CA PRO A 209 15.89 30.03 -12.32
C PRO A 209 15.27 30.51 -11.02
N TRP A 210 15.95 30.23 -9.91
CA TRP A 210 15.59 30.75 -8.60
C TRP A 210 16.42 31.96 -8.22
N TYR A 211 17.74 31.87 -8.36
CA TYR A 211 18.64 32.98 -8.11
C TYR A 211 19.49 33.24 -9.35
N ALA A 212 19.83 34.50 -9.56
CA ALA A 212 20.70 34.92 -10.65
C ALA A 212 21.89 35.70 -10.07
N PHE A 213 22.73 36.21 -10.96
CA PHE A 213 23.95 36.90 -10.55
C PHE A 213 24.10 38.17 -11.38
N ALA A 214 24.02 39.32 -10.73
CA ALA A 214 24.35 40.59 -11.36
C ALA A 214 25.85 40.81 -11.29
N LEU A 215 26.50 40.91 -12.44
CA LEU A 215 27.94 41.01 -12.51
C LEU A 215 28.36 42.10 -13.49
N SER A 216 29.50 42.73 -13.21
CA SER A 216 30.05 43.76 -14.07
C SER A 216 31.29 43.33 -14.82
N ARG A 217 31.92 42.22 -14.43
CA ARG A 217 32.89 41.52 -15.26
C ARG A 217 34.12 42.40 -15.58
N GLY A 218 34.86 42.71 -14.53
CA GLY A 218 36.14 43.38 -14.69
C GLY A 218 37.16 42.51 -15.40
N GLU B 3 13.17 -13.19 5.55
CA GLU B 3 13.03 -12.10 4.59
C GLU B 3 12.54 -10.83 5.20
N VAL B 4 12.02 -9.99 4.32
CA VAL B 4 11.22 -8.87 4.75
C VAL B 4 10.06 -9.40 5.58
N GLN B 5 9.81 -8.75 6.70
CA GLN B 5 8.72 -9.17 7.57
C GLN B 5 8.22 -7.96 8.32
N LEU B 6 6.93 -7.70 8.22
CA LEU B 6 6.27 -6.63 8.96
C LEU B 6 5.28 -7.26 9.92
N VAL B 7 5.38 -6.89 11.20
CA VAL B 7 4.53 -7.43 12.25
C VAL B 7 3.81 -6.28 12.92
N GLU B 8 2.49 -6.41 13.06
CA GLU B 8 1.66 -5.34 13.59
C GLU B 8 1.01 -5.77 14.90
N SER B 9 0.66 -4.78 15.71
CA SER B 9 0.00 -5.02 16.98
C SER B 9 -0.71 -3.73 17.41
N GLY B 10 -1.48 -3.85 18.48
CA GLY B 10 -2.20 -2.72 19.06
C GLY B 10 -3.70 -2.76 18.87
N GLY B 11 -4.20 -3.54 17.91
CA GLY B 11 -5.62 -3.59 17.67
C GLY B 11 -6.39 -4.16 18.85
N GLY B 12 -7.68 -3.83 18.89
CA GLY B 12 -8.53 -4.29 19.97
C GLY B 12 -9.78 -3.44 20.05
N LEU B 13 -10.53 -3.68 21.13
CA LEU B 13 -11.77 -2.94 21.37
C LEU B 13 -11.46 -1.55 21.89
N VAL B 14 -12.16 -0.55 21.37
CA VAL B 14 -11.98 0.83 21.79
C VAL B 14 -13.31 1.56 21.59
N GLN B 15 -13.64 2.44 22.54
CA GLN B 15 -14.91 3.14 22.47
C GLN B 15 -14.83 4.29 21.46
N PRO B 16 -15.95 4.63 20.83
CA PRO B 16 -15.97 5.79 19.93
C PRO B 16 -15.51 7.05 20.66
N GLY B 17 -14.73 7.86 19.96
CA GLY B 17 -14.18 9.07 20.53
C GLY B 17 -12.86 8.88 21.26
N ARG B 18 -12.52 7.65 21.62
CA ARG B 18 -11.26 7.37 22.32
C ARG B 18 -10.13 7.30 21.29
N SER B 19 -8.95 6.88 21.75
CA SER B 19 -7.76 6.82 20.91
C SER B 19 -7.13 5.44 21.01
N LEU B 20 -6.34 5.10 20.00
CA LEU B 20 -5.67 3.81 19.94
C LEU B 20 -4.46 3.95 19.02
N ARG B 21 -3.31 3.45 19.48
CA ARG B 21 -2.04 3.60 18.77
C ARG B 21 -1.63 2.25 18.21
N LEU B 22 -1.64 2.13 16.89
CA LEU B 22 -1.16 0.93 16.23
C LEU B 22 0.35 0.96 16.05
N SER B 23 0.94 -0.22 15.92
CA SER B 23 2.38 -0.35 15.79
C SER B 23 2.69 -1.38 14.72
N CYS B 24 3.78 -1.16 13.98
CA CYS B 24 4.18 -2.03 12.88
C CYS B 24 5.70 -2.15 12.89
N THR B 25 6.20 -3.31 13.30
CA THR B 25 7.62 -3.55 13.46
C THR B 25 8.19 -4.22 12.21
N ALA B 26 9.29 -3.68 11.71
CA ALA B 26 9.90 -4.14 10.47
C ALA B 26 11.19 -4.91 10.75
N SER B 27 11.43 -5.92 9.92
CA SER B 27 12.62 -6.76 10.06
C SER B 27 13.06 -7.22 8.68
N GLY B 28 14.38 -7.41 8.53
CA GLY B 28 14.93 -7.98 7.32
C GLY B 28 15.26 -7.00 6.21
N PHE B 29 15.37 -5.70 6.53
CA PHE B 29 15.73 -4.69 5.53
C PHE B 29 16.02 -3.38 6.25
N THR B 30 16.71 -2.49 5.56
CA THR B 30 17.06 -1.19 6.12
C THR B 30 15.79 -0.35 6.21
N PHE B 31 15.24 -0.26 7.42
CA PHE B 31 13.95 0.41 7.61
C PHE B 31 14.02 1.87 7.20
N GLY B 32 15.14 2.54 7.50
CA GLY B 32 15.27 3.96 7.22
C GLY B 32 15.29 4.32 5.75
N ASP B 33 15.41 3.34 4.85
CA ASP B 33 15.49 3.59 3.42
C ASP B 33 14.14 3.42 2.72
N TYR B 34 13.07 3.19 3.47
CA TYR B 34 11.77 2.91 2.87
C TYR B 34 10.71 3.81 3.49
N GLY B 35 9.76 4.23 2.65
CA GLY B 35 8.54 4.81 3.17
C GLY B 35 7.61 3.76 3.71
N MET B 36 6.65 4.18 4.52
CA MET B 36 5.70 3.26 5.13
C MET B 36 4.28 3.78 4.94
N SER B 37 3.36 2.86 4.67
CA SER B 37 1.96 3.20 4.44
C SER B 37 1.08 2.31 5.29
N TRP B 38 -0.04 2.88 5.73
CA TRP B 38 -1.09 2.14 6.43
C TRP B 38 -2.29 2.01 5.51
N PHE B 39 -2.82 0.80 5.39
CA PHE B 39 -4.05 0.54 4.67
C PHE B 39 -5.04 -0.12 5.63
N ARG B 40 -6.32 -0.05 5.27
CA ARG B 40 -7.36 -0.64 6.10
C ARG B 40 -8.42 -1.26 5.21
N GLN B 41 -9.16 -2.21 5.79
CA GLN B 41 -10.15 -2.99 5.03
C GLN B 41 -11.26 -3.41 5.98
N ALA B 42 -12.43 -2.77 5.86
CA ALA B 42 -13.60 -3.21 6.59
C ALA B 42 -13.92 -4.65 6.21
N PRO B 43 -14.58 -5.41 7.11
CA PRO B 43 -14.82 -6.84 6.81
C PRO B 43 -15.57 -7.06 5.50
N GLY B 44 -14.89 -7.65 4.52
CA GLY B 44 -15.47 -7.92 3.22
C GLY B 44 -15.82 -6.69 2.42
N LYS B 45 -15.06 -5.60 2.54
CA LYS B 45 -15.44 -4.36 1.87
C LYS B 45 -14.28 -3.67 1.15
N GLY B 46 -13.23 -4.39 0.77
CA GLY B 46 -12.23 -3.86 -0.12
C GLY B 46 -11.17 -3.01 0.56
N LEU B 47 -10.12 -2.70 -0.20
CA LEU B 47 -8.94 -2.02 0.31
C LEU B 47 -9.13 -0.51 0.34
N GLU B 48 -8.66 0.11 1.41
CA GLU B 48 -8.69 1.55 1.57
C GLU B 48 -7.33 2.02 2.07
N TRP B 49 -6.96 3.24 1.67
CA TRP B 49 -5.69 3.83 2.06
C TRP B 49 -5.91 4.76 3.26
N VAL B 50 -5.08 4.63 4.27
CA VAL B 50 -5.15 5.46 5.46
C VAL B 50 -4.17 6.62 5.40
N GLY B 51 -2.89 6.32 5.17
CA GLY B 51 -1.89 7.36 5.11
C GLY B 51 -0.54 6.79 4.73
N PHE B 52 0.45 7.68 4.70
CA PHE B 52 1.77 7.34 4.18
C PHE B 52 2.79 8.27 4.80
N ILE B 53 3.96 7.74 5.15
CA ILE B 53 5.05 8.51 5.73
C ILE B 53 6.31 8.28 4.91
N ARG B 54 6.91 9.36 4.43
CA ARG B 54 8.11 9.25 3.60
C ARG B 54 9.32 8.84 4.45
N SER B 55 10.36 8.38 3.77
CA SER B 55 11.62 8.09 4.43
C SER B 55 12.29 9.39 4.88
N LYS B 56 13.25 9.25 5.80
CA LYS B 56 13.98 10.42 6.28
C LYS B 56 14.76 11.10 5.16
N VAL B 57 15.22 10.33 4.16
CA VAL B 57 15.94 10.90 3.03
C VAL B 57 15.09 11.91 2.30
N TYR B 58 13.77 11.72 2.29
CA TYR B 58 12.84 12.60 1.58
C TYR B 58 12.02 13.44 2.55
N GLY B 59 12.57 13.75 3.72
CA GLY B 59 11.95 14.69 4.64
C GLY B 59 11.15 14.06 5.76
N GLY B 60 10.82 12.77 5.66
CA GLY B 60 10.03 12.14 6.70
C GLY B 60 8.65 12.72 6.87
N THR B 61 8.13 13.41 5.87
CA THR B 61 6.81 14.00 5.93
C THR B 61 5.74 12.93 5.73
N THR B 62 4.48 13.34 5.89
CA THR B 62 3.36 12.41 5.85
C THR B 62 2.28 12.92 4.90
N GLU B 63 1.51 11.98 4.37
CA GLU B 63 0.29 12.25 3.62
C GLU B 63 -0.83 11.38 4.19
N TYR B 64 -2.05 11.91 4.16
CA TYR B 64 -3.19 11.24 4.77
C TYR B 64 -4.38 11.24 3.82
N ALA B 65 -5.20 10.21 3.94
CA ALA B 65 -6.47 10.19 3.22
C ALA B 65 -7.42 11.23 3.82
N ALA B 66 -8.30 11.76 2.98
CA ALA B 66 -9.33 12.68 3.46
C ALA B 66 -10.16 12.03 4.56
N SER B 67 -10.33 10.71 4.51
CA SER B 67 -11.09 10.00 5.53
C SER B 67 -10.58 10.29 6.93
N VAL B 68 -9.31 10.65 7.06
CA VAL B 68 -8.57 10.36 8.28
C VAL B 68 -7.71 11.54 8.74
N LYS B 69 -7.46 12.49 7.83
CA LYS B 69 -6.33 13.41 7.97
C LYS B 69 -6.30 14.10 9.33
N GLY B 70 -7.44 14.66 9.77
CA GLY B 70 -7.43 15.41 11.00
C GLY B 70 -7.29 14.57 12.26
N ARG B 71 -7.59 13.28 12.18
CA ARG B 71 -7.73 12.44 13.37
C ARG B 71 -6.58 11.49 13.61
N PHE B 72 -5.99 10.90 12.56
CA PHE B 72 -4.89 9.96 12.75
C PHE B 72 -3.56 10.65 12.47
N ILE B 73 -2.51 10.17 13.13
CA ILE B 73 -1.16 10.69 12.94
C ILE B 73 -0.21 9.51 12.76
N ILE B 74 0.59 9.56 11.71
CA ILE B 74 1.55 8.50 11.38
C ILE B 74 2.95 9.00 11.71
N SER B 75 3.71 8.20 12.43
CA SER B 75 5.08 8.52 12.79
C SER B 75 5.92 7.25 12.67
N ARG B 76 7.24 7.42 12.67
CA ARG B 76 8.16 6.30 12.55
C ARG B 76 9.30 6.48 13.53
N ASP B 77 9.89 5.36 13.92
CA ASP B 77 11.04 5.33 14.83
C ASP B 77 12.10 4.45 14.18
N ASP B 78 13.07 5.08 13.51
CA ASP B 78 14.12 4.33 12.82
C ASP B 78 15.13 3.72 13.79
N SER B 79 15.13 4.15 15.05
CA SER B 79 15.99 3.50 16.03
C SER B 79 15.52 2.08 16.34
N LYS B 80 14.20 1.89 16.40
CA LYS B 80 13.61 0.58 16.65
C LYS B 80 13.01 -0.05 15.41
N SER B 81 13.07 0.64 14.26
CA SER B 81 12.52 0.14 13.00
C SER B 81 11.03 -0.17 13.14
N ILE B 82 10.28 0.82 13.62
CA ILE B 82 8.85 0.68 13.89
C ILE B 82 8.12 1.86 13.31
N ALA B 83 6.97 1.61 12.69
CA ALA B 83 6.05 2.64 12.25
C ALA B 83 4.77 2.56 13.06
N TYR B 84 4.25 3.72 13.44
CA TYR B 84 3.07 3.82 14.28
C TYR B 84 1.89 4.44 13.54
N LEU B 85 0.69 4.09 13.97
CA LEU B 85 -0.55 4.70 13.48
C LEU B 85 -1.34 5.16 14.71
N GLN B 86 -1.16 6.41 15.09
CA GLN B 86 -1.86 6.98 16.24
C GLN B 86 -3.25 7.41 15.78
N MET B 87 -4.28 6.71 16.24
CA MET B 87 -5.66 7.01 15.87
C MET B 87 -6.35 7.74 17.01
N ASN B 88 -7.03 8.83 16.69
CA ASN B 88 -7.80 9.61 17.65
C ASN B 88 -9.21 9.84 17.11
N SER B 89 -10.13 10.12 18.02
CA SER B 89 -11.51 10.47 17.67
C SER B 89 -12.15 9.38 16.81
N LEU B 90 -11.95 8.13 17.23
CA LEU B 90 -12.39 7.00 16.43
C LEU B 90 -13.91 6.93 16.36
N LYS B 91 -14.43 6.58 15.19
CA LYS B 91 -15.85 6.34 15.00
C LYS B 91 -16.06 4.89 14.56
N THR B 92 -17.32 4.46 14.61
CA THR B 92 -17.63 3.07 14.30
C THR B 92 -17.21 2.68 12.89
N GLU B 93 -17.29 3.62 11.93
CA GLU B 93 -16.87 3.31 10.58
C GLU B 93 -15.36 3.17 10.44
N ASP B 94 -14.59 3.48 11.48
CA ASP B 94 -13.16 3.21 11.47
C ASP B 94 -12.85 1.75 11.76
N THR B 95 -13.85 0.93 12.07
CA THR B 95 -13.65 -0.48 12.36
C THR B 95 -13.22 -1.20 11.08
N ALA B 96 -12.03 -1.79 11.11
CA ALA B 96 -11.47 -2.46 9.95
C ALA B 96 -10.20 -3.19 10.38
N VAL B 97 -9.73 -4.08 9.52
CA VAL B 97 -8.40 -4.64 9.64
C VAL B 97 -7.41 -3.65 9.05
N TYR B 98 -6.41 -3.28 9.84
CA TYR B 98 -5.41 -2.30 9.42
C TYR B 98 -4.10 -3.02 9.08
N TYR B 99 -3.58 -2.75 7.89
CA TYR B 99 -2.31 -3.31 7.45
C TYR B 99 -1.27 -2.20 7.34
N CYS B 100 0.00 -2.59 7.48
CA CYS B 100 1.11 -1.68 7.25
C CYS B 100 1.97 -2.24 6.12
N THR B 101 2.64 -1.34 5.40
CA THR B 101 3.44 -1.71 4.24
C THR B 101 4.68 -0.84 4.17
N ARG B 102 5.69 -1.36 3.49
CA ARG B 102 6.83 -0.57 3.05
C ARG B 102 6.60 -0.15 1.61
N ASP B 103 7.18 1.00 1.24
CA ASP B 103 6.94 1.56 -0.07
C ASP B 103 8.13 2.40 -0.49
N TRP B 104 8.28 2.57 -1.80
CA TRP B 104 9.28 3.48 -2.35
C TRP B 104 8.74 4.91 -2.34
N VAL B 105 9.66 5.87 -2.19
CA VAL B 105 9.37 7.28 -2.37
C VAL B 105 9.90 7.70 -3.73
N ARG B 106 9.01 8.12 -4.62
CA ARG B 106 9.42 8.56 -5.95
C ARG B 106 10.31 9.80 -5.82
N ASP B 107 11.24 9.95 -6.78
CA ASP B 107 12.41 10.79 -6.52
C ASP B 107 12.09 12.27 -6.56
N ILE B 108 11.50 12.75 -7.65
CA ILE B 108 11.32 14.19 -7.80
C ILE B 108 9.96 14.64 -7.25
N ILE B 109 8.90 13.90 -7.55
CA ILE B 109 7.56 14.29 -7.14
C ILE B 109 7.21 13.78 -5.74
N LEU B 110 8.05 12.94 -5.14
CA LEU B 110 7.91 12.49 -3.76
C LEU B 110 6.61 11.75 -3.49
N LEU B 111 5.92 11.30 -4.55
CA LEU B 111 4.73 10.49 -4.36
C LEU B 111 5.10 9.08 -3.91
N PRO B 112 4.17 8.37 -3.27
CA PRO B 112 4.39 6.94 -3.00
C PRO B 112 4.35 6.14 -4.29
N ALA B 113 5.34 5.28 -4.48
CA ALA B 113 5.43 4.51 -5.72
C ALA B 113 4.45 3.34 -5.75
N LEU B 114 3.75 3.08 -4.65
CA LEU B 114 2.80 1.96 -4.55
C LEU B 114 3.50 0.63 -4.85
N HIS B 115 4.77 0.52 -4.44
CA HIS B 115 5.50 -0.74 -4.50
C HIS B 115 5.31 -1.50 -3.18
N LEU B 116 4.04 -1.80 -2.89
CA LEU B 116 3.67 -2.52 -1.67
C LEU B 116 3.99 -4.01 -1.85
N ASP B 117 5.30 -4.31 -1.84
CA ASP B 117 5.73 -5.69 -2.03
C ASP B 117 5.60 -6.53 -0.76
N TYR B 118 5.54 -5.90 0.41
CA TYR B 118 5.47 -6.63 1.66
C TYR B 118 4.45 -5.99 2.59
N TRP B 119 3.63 -6.83 3.21
CA TRP B 119 2.57 -6.41 4.11
C TRP B 119 2.72 -7.13 5.44
N GLY B 120 2.17 -6.52 6.49
CA GLY B 120 2.00 -7.21 7.75
C GLY B 120 0.80 -8.13 7.69
N GLN B 121 0.60 -8.87 8.78
CA GLN B 121 -0.57 -9.73 8.88
C GLN B 121 -1.84 -8.96 9.17
N GLY B 122 -1.73 -7.71 9.61
CA GLY B 122 -2.89 -6.91 9.93
C GLY B 122 -3.36 -7.12 11.36
N THR B 123 -4.08 -6.12 11.86
CA THR B 123 -4.65 -6.18 13.20
C THR B 123 -6.04 -5.57 13.16
N LEU B 124 -6.98 -6.19 13.89
CA LEU B 124 -8.37 -5.78 13.86
C LEU B 124 -8.63 -4.71 14.91
N VAL B 125 -9.30 -3.64 14.50
CA VAL B 125 -9.66 -2.53 15.38
C VAL B 125 -11.18 -2.43 15.40
N THR B 126 -11.77 -2.65 16.57
CA THR B 126 -13.22 -2.62 16.75
C THR B 126 -13.57 -1.35 17.53
N VAL B 127 -14.20 -0.39 16.86
CA VAL B 127 -14.68 0.82 17.52
C VAL B 127 -16.13 0.54 17.90
N SER B 128 -16.36 0.28 19.18
CA SER B 128 -17.66 -0.18 19.64
C SER B 128 -17.87 0.26 21.08
N GLY B 129 -19.14 0.20 21.51
CA GLY B 129 -19.50 0.62 22.84
C GLY B 129 -19.93 -0.53 23.73
N ALA B 130 -19.91 -1.74 23.18
CA ALA B 130 -20.25 -2.93 23.95
C ALA B 130 -19.03 -3.39 24.75
N SER B 131 -19.28 -4.14 25.82
CA SER B 131 -18.21 -4.58 26.70
C SER B 131 -17.61 -5.89 26.20
N THR B 132 -16.32 -6.07 26.49
CA THR B 132 -15.61 -7.29 26.13
C THR B 132 -16.16 -8.48 26.92
N LYS B 133 -16.30 -9.61 26.24
CA LYS B 133 -16.74 -10.84 26.87
C LYS B 133 -15.79 -11.96 26.47
N GLY B 134 -15.21 -12.63 27.46
CA GLY B 134 -14.33 -13.75 27.21
C GLY B 134 -15.09 -14.95 26.69
N PRO B 135 -14.38 -15.87 26.06
CA PRO B 135 -15.04 -17.05 25.47
C PRO B 135 -15.09 -18.23 26.43
N SER B 136 -16.07 -19.09 26.17
CA SER B 136 -16.12 -20.43 26.76
C SER B 136 -15.56 -21.41 25.75
N VAL B 137 -14.70 -22.31 26.22
CA VAL B 137 -14.04 -23.29 25.36
C VAL B 137 -14.45 -24.68 25.79
N PHE B 138 -15.09 -25.42 24.88
CA PHE B 138 -15.51 -26.79 25.12
C PHE B 138 -14.85 -27.73 24.12
N PRO B 139 -14.48 -28.93 24.53
CA PRO B 139 -13.90 -29.89 23.58
C PRO B 139 -14.97 -30.54 22.72
N LEU B 140 -14.57 -30.92 21.52
CA LEU B 140 -15.44 -31.65 20.59
C LEU B 140 -14.86 -33.05 20.47
N ALA B 141 -15.40 -33.98 21.23
CA ALA B 141 -14.79 -35.30 21.36
C ALA B 141 -15.07 -36.14 20.11
N PRO B 142 -14.10 -36.91 19.64
CA PRO B 142 -14.33 -37.80 18.50
C PRO B 142 -14.94 -39.12 18.95
N SER B 143 -15.41 -39.89 17.96
CA SER B 143 -16.01 -41.19 18.21
C SER B 143 -15.00 -42.16 18.82
N GLY B 149 -14.11 -43.05 6.50
CA GLY B 149 -12.80 -43.67 6.38
C GLY B 149 -12.22 -44.11 7.70
N GLY B 150 -10.88 -44.21 7.76
CA GLY B 150 -10.21 -44.60 8.97
C GLY B 150 -9.70 -43.43 9.77
N THR B 151 -10.34 -42.28 9.60
CA THR B 151 -9.97 -41.04 10.27
C THR B 151 -10.98 -40.71 11.37
N ALA B 152 -10.58 -39.82 12.26
CA ALA B 152 -11.42 -39.33 13.32
C ALA B 152 -11.26 -37.82 13.44
N ALA B 153 -12.37 -37.12 13.68
CA ALA B 153 -12.39 -35.67 13.75
C ALA B 153 -12.63 -35.22 15.18
N LEU B 154 -11.75 -34.36 15.68
CA LEU B 154 -11.87 -33.77 17.01
C LEU B 154 -11.71 -32.26 16.89
N GLY B 155 -12.23 -31.53 17.86
CA GLY B 155 -12.19 -30.09 17.75
C GLY B 155 -12.48 -29.39 19.06
N CYS B 156 -12.64 -28.07 18.96
CA CYS B 156 -12.89 -27.21 20.10
C CYS B 156 -13.96 -26.19 19.75
N LEU B 157 -14.85 -25.92 20.69
CA LEU B 157 -15.94 -24.96 20.53
C LEU B 157 -15.62 -23.71 21.34
N VAL B 158 -15.38 -22.61 20.64
CA VAL B 158 -15.11 -21.31 21.27
C VAL B 158 -16.41 -20.52 21.21
N LYS B 159 -17.07 -20.36 22.37
CA LYS B 159 -18.45 -19.93 22.43
C LYS B 159 -18.58 -18.56 23.11
N ASP B 160 -19.38 -17.68 22.49
CA ASP B 160 -19.91 -16.47 23.11
C ASP B 160 -18.80 -15.53 23.60
N TYR B 161 -18.06 -15.00 22.64
CA TYR B 161 -17.03 -14.00 22.92
C TYR B 161 -17.29 -12.73 22.13
N PHE B 162 -16.70 -11.63 22.60
CA PHE B 162 -16.76 -10.35 21.92
C PHE B 162 -15.60 -9.51 22.40
N PRO B 163 -14.88 -8.81 21.50
CA PRO B 163 -15.11 -8.89 20.06
C PRO B 163 -14.13 -9.85 19.39
N GLU B 164 -14.17 -9.90 18.06
CA GLU B 164 -13.14 -10.60 17.31
C GLU B 164 -11.79 -9.90 17.53
N PRO B 165 -10.67 -10.63 17.36
CA PRO B 165 -10.57 -12.02 16.93
C PRO B 165 -10.18 -12.99 18.03
N VAL B 166 -10.29 -14.27 17.72
CA VAL B 166 -9.79 -15.35 18.56
C VAL B 166 -8.79 -16.15 17.75
N THR B 167 -7.69 -16.54 18.38
CA THR B 167 -6.65 -17.34 17.75
C THR B 167 -6.66 -18.73 18.37
N VAL B 168 -6.94 -19.73 17.54
CA VAL B 168 -6.93 -21.13 17.97
C VAL B 168 -5.68 -21.80 17.45
N SER B 169 -4.95 -22.45 18.34
CA SER B 169 -3.82 -23.29 17.97
C SER B 169 -4.10 -24.72 18.43
N TRP B 170 -3.30 -25.65 17.92
CA TRP B 170 -3.44 -27.06 18.27
C TRP B 170 -2.08 -27.58 18.71
N ASN B 171 -1.99 -28.01 19.97
CA ASN B 171 -0.72 -28.35 20.60
C ASN B 171 0.27 -27.21 20.49
N SER B 172 -0.21 -25.99 20.79
CA SER B 172 0.60 -24.78 20.84
C SER B 172 1.23 -24.48 19.48
N GLY B 173 0.37 -24.30 18.48
CA GLY B 173 0.78 -23.85 17.17
C GLY B 173 1.64 -24.81 16.37
N ALA B 174 1.74 -26.08 16.80
CA ALA B 174 2.60 -27.02 16.10
C ALA B 174 1.87 -27.69 14.93
N LEU B 175 0.59 -27.98 15.12
CA LEU B 175 -0.19 -28.78 14.18
C LEU B 175 -0.82 -27.87 13.13
N THR B 176 -0.27 -27.89 11.92
CA THR B 176 -0.98 -27.38 10.74
C THR B 176 -1.60 -28.52 9.94
N SER B 177 -1.13 -29.74 10.16
CA SER B 177 -1.72 -30.91 9.54
C SER B 177 -3.18 -31.07 9.95
N GLY B 178 -4.05 -31.19 8.95
CA GLY B 178 -5.43 -31.56 9.16
C GLY B 178 -6.23 -30.61 10.01
N VAL B 179 -5.78 -29.37 10.14
CA VAL B 179 -6.45 -28.36 10.97
C VAL B 179 -7.32 -27.48 10.09
N HIS B 180 -8.46 -27.08 10.62
CA HIS B 180 -9.25 -26.04 9.97
C HIS B 180 -10.08 -25.31 11.02
N THR B 181 -9.80 -24.02 11.19
CA THR B 181 -10.60 -23.14 12.03
C THR B 181 -11.58 -22.38 11.16
N PHE B 182 -12.85 -22.47 11.50
CA PHE B 182 -13.93 -21.94 10.67
C PHE B 182 -14.24 -20.49 11.06
N PRO B 183 -14.76 -19.70 10.12
CA PRO B 183 -15.14 -18.33 10.46
C PRO B 183 -16.22 -18.29 11.52
N ALA B 184 -16.11 -17.31 12.42
CA ALA B 184 -17.07 -17.16 13.50
C ALA B 184 -18.43 -16.72 12.97
N VAL B 185 -19.44 -16.86 13.80
CA VAL B 185 -20.80 -16.42 13.49
C VAL B 185 -21.24 -15.40 14.54
N LEU B 186 -21.83 -14.31 14.08
CA LEU B 186 -22.47 -13.37 14.98
C LEU B 186 -23.86 -13.88 15.34
N GLN B 187 -24.20 -13.81 16.62
CA GLN B 187 -25.46 -14.33 17.12
C GLN B 187 -26.44 -13.19 17.37
N SER B 188 -27.66 -13.55 17.75
CA SER B 188 -28.67 -12.54 18.07
C SER B 188 -28.28 -11.69 19.27
N SER B 189 -27.33 -12.16 20.07
CA SER B 189 -26.87 -11.43 21.24
C SER B 189 -25.66 -10.54 20.95
N GLY B 190 -25.24 -10.44 19.69
CA GLY B 190 -24.06 -9.68 19.36
C GLY B 190 -22.75 -10.33 19.76
N LEU B 191 -22.79 -11.60 20.15
CA LEU B 191 -21.60 -12.32 20.56
C LEU B 191 -21.15 -13.27 19.46
N TYR B 192 -19.83 -13.39 19.29
CA TYR B 192 -19.27 -14.27 18.28
C TYR B 192 -19.02 -15.66 18.87
N SER B 193 -18.86 -16.63 17.98
CA SER B 193 -18.61 -18.01 18.35
C SER B 193 -18.10 -18.75 17.13
N LEU B 194 -16.99 -19.48 17.29
CA LEU B 194 -16.44 -20.26 16.20
C LEU B 194 -16.05 -21.64 16.71
N SER B 195 -15.58 -22.47 15.77
CA SER B 195 -15.09 -23.81 16.08
C SER B 195 -13.82 -24.06 15.29
N SER B 196 -12.94 -24.89 15.87
CA SER B 196 -11.76 -25.40 15.21
C SER B 196 -11.82 -26.91 15.24
N VAL B 197 -11.37 -27.55 14.16
CA VAL B 197 -11.43 -29.00 14.04
C VAL B 197 -10.13 -29.50 13.45
N VAL B 198 -9.74 -30.70 13.87
CA VAL B 198 -8.56 -31.36 13.32
C VAL B 198 -8.90 -32.82 13.03
N THR B 199 -8.34 -33.34 11.95
CA THR B 199 -8.53 -34.72 11.52
C THR B 199 -7.26 -35.52 11.77
N VAL B 200 -7.41 -36.69 12.36
CA VAL B 200 -6.27 -37.52 12.77
C VAL B 200 -6.58 -38.97 12.55
N PRO B 201 -5.58 -39.83 12.47
CA PRO B 201 -5.81 -41.28 12.47
C PRO B 201 -6.51 -41.71 13.74
N SER B 202 -7.57 -42.53 13.58
CA SER B 202 -8.40 -42.88 14.73
C SER B 202 -7.65 -43.74 15.75
N SER B 203 -6.74 -44.61 15.31
CA SER B 203 -5.95 -45.34 16.30
C SER B 203 -4.92 -44.46 16.98
N SER B 204 -4.78 -43.20 16.56
CA SER B 204 -3.87 -42.25 17.19
C SER B 204 -4.54 -41.43 18.29
N LEU B 205 -5.73 -41.85 18.74
CA LEU B 205 -6.46 -41.11 19.76
C LEU B 205 -6.06 -41.51 21.17
N GLY B 206 -6.21 -42.80 21.52
CA GLY B 206 -5.58 -43.32 22.72
C GLY B 206 -4.07 -43.33 22.65
N THR B 207 -3.52 -42.84 21.55
CA THR B 207 -2.08 -42.84 21.32
C THR B 207 -1.45 -41.61 21.95
N GLN B 208 -1.88 -40.41 21.56
CA GLN B 208 -1.19 -39.19 21.99
C GLN B 208 -2.11 -38.08 22.49
N THR B 209 -1.53 -36.89 22.66
CA THR B 209 -2.21 -35.71 23.19
C THR B 209 -2.76 -34.86 22.06
N TYR B 210 -3.80 -34.08 22.39
CA TYR B 210 -4.34 -33.08 21.48
C TYR B 210 -4.95 -31.96 22.32
N ILE B 211 -4.25 -30.82 22.40
CA ILE B 211 -4.74 -29.65 23.13
C ILE B 211 -4.96 -28.53 22.13
N CYS B 212 -6.11 -27.87 22.23
CA CYS B 212 -6.35 -26.63 21.51
C CYS B 212 -6.07 -25.45 22.43
N ASN B 213 -5.39 -24.44 21.91
CA ASN B 213 -4.95 -23.29 22.70
C ASN B 213 -5.68 -22.06 22.18
N VAL B 214 -6.76 -21.69 22.87
CA VAL B 214 -7.60 -20.58 22.49
C VAL B 214 -7.10 -19.31 23.16
N ASN B 215 -6.96 -18.24 22.38
CA ASN B 215 -6.41 -16.98 22.87
C ASN B 215 -7.32 -15.84 22.44
N HIS B 216 -7.98 -15.22 23.40
CA HIS B 216 -8.82 -14.04 23.17
C HIS B 216 -8.14 -12.87 23.89
N LYS B 217 -7.32 -12.13 23.15
CA LYS B 217 -6.59 -11.01 23.75
C LYS B 217 -7.49 -9.89 24.25
N PRO B 218 -8.58 -9.51 23.58
CA PRO B 218 -9.45 -8.46 24.16
C PRO B 218 -9.88 -8.73 25.59
N SER B 219 -10.09 -10.00 25.96
CA SER B 219 -10.44 -10.36 27.32
C SER B 219 -9.26 -10.94 28.09
N ASN B 220 -8.08 -10.99 27.49
CA ASN B 220 -6.89 -11.57 28.12
C ASN B 220 -7.14 -13.02 28.52
N THR B 221 -7.85 -13.75 27.67
CA THR B 221 -8.20 -15.14 27.92
C THR B 221 -7.23 -16.06 27.21
N LYS B 222 -6.70 -17.04 27.94
CA LYS B 222 -5.81 -18.05 27.37
C LYS B 222 -6.21 -19.40 27.98
N VAL B 223 -6.79 -20.26 27.16
CA VAL B 223 -7.33 -21.54 27.61
C VAL B 223 -6.69 -22.65 26.78
N ASP B 224 -6.26 -23.71 27.45
CA ASP B 224 -5.75 -24.93 26.81
C ASP B 224 -6.68 -26.07 27.18
N LYS B 225 -7.38 -26.61 26.20
CA LYS B 225 -8.39 -27.64 26.43
C LYS B 225 -7.96 -28.97 25.81
N ARG B 226 -8.14 -30.05 26.56
CA ARG B 226 -7.78 -31.39 26.10
C ARG B 226 -9.01 -32.10 25.55
N VAL B 227 -8.86 -32.71 24.37
CA VAL B 227 -9.94 -33.42 23.70
C VAL B 227 -9.63 -34.90 23.78
N GLU B 228 -10.42 -35.63 24.56
CA GLU B 228 -10.27 -37.07 24.75
C GLU B 228 -11.52 -37.79 24.27
N PRO B 229 -11.41 -39.06 23.87
CA PRO B 229 -12.57 -39.85 23.46
C PRO B 229 -13.59 -40.04 24.58
N VAL C 5 -12.33 7.69 -7.34
CA VAL C 5 -12.17 6.26 -7.14
C VAL C 5 -12.23 5.53 -8.48
N LEU C 6 -11.55 4.40 -8.57
CA LEU C 6 -11.45 3.64 -9.81
C LEU C 6 -12.55 2.57 -9.88
N THR C 7 -12.93 2.21 -11.09
CA THR C 7 -14.04 1.30 -11.34
C THR C 7 -13.51 0.01 -11.95
N GLN C 8 -13.89 -1.12 -11.34
CA GLN C 8 -13.52 -2.46 -11.78
C GLN C 8 -14.78 -3.27 -12.02
N PRO C 9 -14.71 -4.29 -12.88
CA PRO C 9 -15.83 -5.23 -13.00
C PRO C 9 -16.02 -5.99 -11.70
N PRO C 10 -17.25 -6.02 -11.17
CA PRO C 10 -17.46 -6.73 -9.89
C PRO C 10 -17.04 -8.18 -9.93
N SER C 11 -17.29 -8.88 -11.04
CA SER C 11 -16.92 -10.28 -11.18
C SER C 11 -16.37 -10.51 -12.57
N VAL C 12 -15.42 -11.44 -12.66
CA VAL C 12 -14.85 -11.87 -13.93
C VAL C 12 -14.71 -13.38 -13.89
N SER C 13 -15.18 -14.05 -14.94
CA SER C 13 -15.21 -15.50 -15.00
C SER C 13 -14.47 -15.98 -16.24
N ALA C 14 -13.66 -17.02 -16.08
CA ALA C 14 -12.88 -17.55 -17.19
C ALA C 14 -12.45 -18.98 -16.88
N ALA C 15 -12.44 -19.82 -17.93
CA ALA C 15 -12.02 -21.20 -17.80
C ALA C 15 -10.49 -21.27 -17.69
N PRO C 16 -9.96 -22.40 -17.21
CA PRO C 16 -8.50 -22.52 -17.07
C PRO C 16 -7.79 -22.45 -18.42
N GLY C 17 -6.52 -22.07 -18.37
CA GLY C 17 -5.70 -21.95 -19.57
C GLY C 17 -6.11 -20.85 -20.52
N GLN C 18 -7.07 -20.01 -20.15
CA GLN C 18 -7.57 -18.95 -21.02
C GLN C 18 -6.95 -17.61 -20.66
N LYS C 19 -7.02 -16.69 -21.62
CA LYS C 19 -6.66 -15.31 -21.37
C LYS C 19 -7.78 -14.62 -20.59
N VAL C 20 -7.43 -13.97 -19.49
CA VAL C 20 -8.39 -13.25 -18.67
C VAL C 20 -7.85 -11.87 -18.35
N THR C 21 -8.72 -10.86 -18.46
CA THR C 21 -8.34 -9.46 -18.28
C THR C 21 -9.31 -8.77 -17.34
N ILE C 22 -8.78 -7.93 -16.46
CA ILE C 22 -9.57 -7.16 -15.51
C ILE C 22 -9.40 -5.68 -15.83
N SER C 23 -10.52 -4.98 -16.00
CA SER C 23 -10.51 -3.57 -16.34
C SER C 23 -10.41 -2.71 -15.08
N CYS C 24 -9.79 -1.54 -15.23
CA CYS C 24 -9.73 -0.57 -14.14
C CYS C 24 -9.72 0.82 -14.79
N SER C 25 -10.89 1.44 -14.88
CA SER C 25 -11.03 2.73 -15.52
C SER C 25 -10.90 3.86 -14.50
N GLY C 26 -10.22 4.93 -14.90
CA GLY C 26 -10.06 6.08 -14.03
C GLY C 26 -10.17 7.40 -14.76
N SER C 27 -9.46 8.41 -14.26
CA SER C 27 -9.45 9.74 -14.84
C SER C 27 -8.02 10.09 -15.26
N SER C 28 -7.88 11.26 -15.89
CA SER C 28 -6.55 11.75 -16.23
C SER C 28 -5.73 12.04 -14.98
N SER C 29 -6.39 12.40 -13.88
CA SER C 29 -5.67 12.72 -12.66
C SER C 29 -5.00 11.49 -12.06
N ASN C 30 -5.73 10.38 -11.98
CA ASN C 30 -5.22 9.19 -11.31
C ASN C 30 -4.58 8.20 -12.28
N ILE C 31 -5.35 7.62 -13.18
CA ILE C 31 -4.82 6.54 -14.01
C ILE C 31 -4.17 7.08 -15.28
N GLY C 32 -4.66 8.20 -15.81
CA GLY C 32 -4.10 8.73 -17.03
C GLY C 32 -2.62 9.05 -16.93
N ASN C 33 -2.21 9.65 -15.81
CA ASN C 33 -0.85 10.16 -15.69
C ASN C 33 -0.04 9.55 -14.55
N ASN C 34 -0.64 8.75 -13.68
CA ASN C 34 0.10 8.13 -12.58
C ASN C 34 0.24 6.63 -12.81
N TYR C 35 1.21 6.05 -12.09
CA TYR C 35 1.46 4.62 -12.21
C TYR C 35 0.35 3.82 -11.53
N VAL C 36 0.09 2.63 -12.07
CA VAL C 36 -0.95 1.73 -11.58
C VAL C 36 -0.30 0.48 -11.04
N SER C 37 -0.80 0.00 -9.90
CA SER C 37 -0.36 -1.25 -9.30
C SER C 37 -1.55 -2.20 -9.18
N TRP C 38 -1.26 -3.50 -9.32
CA TRP C 38 -2.28 -4.53 -9.21
C TRP C 38 -1.97 -5.44 -8.04
N PHE C 39 -3.01 -5.85 -7.32
CA PHE C 39 -2.86 -6.66 -6.11
C PHE C 39 -3.77 -7.86 -6.15
N GLN C 40 -3.27 -8.99 -5.65
CA GLN C 40 -4.06 -10.19 -5.44
C GLN C 40 -4.25 -10.40 -3.94
N GLN C 41 -5.48 -10.65 -3.52
CA GLN C 41 -5.81 -10.89 -2.12
C GLN C 41 -6.69 -12.13 -2.04
N LEU C 42 -6.09 -13.25 -1.67
CA LEU C 42 -6.87 -14.46 -1.41
C LEU C 42 -7.67 -14.28 -0.12
N PRO C 43 -8.79 -15.01 0.03
CA PRO C 43 -9.69 -14.78 1.18
C PRO C 43 -9.00 -14.71 2.53
N GLY C 44 -9.11 -13.56 3.19
CA GLY C 44 -8.55 -13.36 4.51
C GLY C 44 -7.03 -13.41 4.55
N THR C 45 -6.38 -12.63 3.70
CA THR C 45 -4.92 -12.58 3.67
C THR C 45 -4.48 -11.19 3.26
N ALA C 46 -3.24 -10.86 3.63
CA ALA C 46 -2.66 -9.61 3.19
C ALA C 46 -2.54 -9.60 1.67
N PRO C 47 -2.82 -8.47 1.02
CA PRO C 47 -2.73 -8.43 -0.44
C PRO C 47 -1.31 -8.69 -0.91
N LYS C 48 -1.20 -9.22 -2.13
CA LYS C 48 0.08 -9.53 -2.75
C LYS C 48 0.26 -8.63 -3.96
N LEU C 49 1.46 -8.05 -4.08
CA LEU C 49 1.76 -7.15 -5.19
C LEU C 49 2.01 -7.98 -6.45
N LEU C 50 1.12 -7.86 -7.43
CA LEU C 50 1.31 -8.53 -8.72
C LEU C 50 2.09 -7.64 -9.69
N ILE C 51 1.60 -6.44 -9.93
CA ILE C 51 2.15 -5.52 -10.93
C ILE C 51 2.37 -4.17 -10.29
N TYR C 52 3.47 -3.50 -10.65
CA TYR C 52 3.71 -2.12 -10.27
C TYR C 52 4.30 -1.39 -11.48
N ASP C 53 4.22 -0.06 -11.45
CA ASP C 53 4.71 0.80 -12.53
C ASP C 53 4.10 0.41 -13.88
N ASP C 54 2.82 0.03 -13.83
CA ASP C 54 1.92 -0.25 -14.95
C ASP C 54 2.19 -1.58 -15.66
N ASP C 55 3.41 -2.11 -15.58
CA ASP C 55 3.65 -3.45 -16.10
C ASP C 55 4.78 -4.20 -15.42
N LYS C 56 5.44 -3.65 -14.41
CA LYS C 56 6.59 -4.33 -13.84
C LYS C 56 6.16 -5.36 -12.80
N ARG C 57 7.00 -6.36 -12.60
CA ARG C 57 6.71 -7.46 -11.70
C ARG C 57 7.76 -7.54 -10.61
N PRO C 58 7.38 -7.65 -9.33
CA PRO C 58 8.35 -7.88 -8.28
C PRO C 58 8.82 -9.33 -8.28
N SER C 59 9.81 -9.61 -7.44
CA SER C 59 10.37 -10.95 -7.35
C SER C 59 9.33 -11.94 -6.86
N GLY C 60 9.25 -13.09 -7.52
CA GLY C 60 8.34 -14.15 -7.14
C GLY C 60 7.06 -14.20 -7.94
N ILE C 61 6.75 -13.16 -8.72
CA ILE C 61 5.54 -13.13 -9.53
C ILE C 61 5.84 -13.84 -10.85
N PRO C 62 5.08 -14.86 -11.21
CA PRO C 62 5.37 -15.60 -12.45
C PRO C 62 5.09 -14.75 -13.67
N ASP C 63 5.56 -15.23 -14.83
CA ASP C 63 5.38 -14.48 -16.07
C ASP C 63 3.93 -14.49 -16.56
N ARG C 64 3.08 -15.34 -15.98
CA ARG C 64 1.68 -15.40 -16.40
C ARG C 64 0.93 -14.09 -16.14
N PHE C 65 1.40 -13.27 -15.20
CA PHE C 65 0.73 -12.02 -14.83
C PHE C 65 1.37 -10.86 -15.58
N SER C 66 0.52 -10.05 -16.23
CA SER C 66 0.99 -8.90 -17.00
C SER C 66 0.00 -7.75 -16.84
N GLY C 67 0.51 -6.54 -17.02
CA GLY C 67 -0.32 -5.35 -16.93
C GLY C 67 -0.09 -4.42 -18.11
N SER C 68 -1.12 -3.65 -18.43
CA SER C 68 -1.04 -2.70 -19.53
C SER C 68 -1.94 -1.51 -19.22
N LYS C 69 -1.64 -0.39 -19.87
CA LYS C 69 -2.39 0.84 -19.67
C LYS C 69 -2.49 1.57 -21.00
N SER C 70 -3.65 2.18 -21.25
CA SER C 70 -3.86 2.97 -22.45
C SER C 70 -4.80 4.12 -22.08
N GLY C 71 -4.25 5.32 -21.96
CA GLY C 71 -5.05 6.48 -21.62
C GLY C 71 -5.53 6.47 -20.19
N THR C 72 -6.85 6.40 -20.00
CA THR C 72 -7.45 6.56 -18.68
C THR C 72 -7.83 5.23 -18.03
N SER C 73 -7.58 4.10 -18.70
CA SER C 73 -7.91 2.79 -18.16
C SER C 73 -6.68 1.89 -18.15
N ALA C 74 -6.61 1.03 -17.14
CA ALA C 74 -5.53 0.06 -17.00
C ALA C 74 -6.11 -1.34 -16.93
N THR C 75 -5.31 -2.32 -17.36
CA THR C 75 -5.77 -3.70 -17.47
C THR C 75 -4.70 -4.65 -16.95
N LEU C 76 -5.15 -5.68 -16.23
CA LEU C 76 -4.27 -6.76 -15.77
C LEU C 76 -4.65 -8.05 -16.47
N GLY C 77 -3.63 -8.77 -16.93
CA GLY C 77 -3.83 -10.02 -17.66
C GLY C 77 -3.22 -11.20 -16.94
N ILE C 78 -3.97 -12.30 -16.90
CA ILE C 78 -3.50 -13.58 -16.37
C ILE C 78 -3.70 -14.61 -17.47
N THR C 79 -2.62 -15.26 -17.90
CA THR C 79 -2.68 -16.05 -19.13
C THR C 79 -2.85 -17.55 -18.88
N GLY C 80 -2.06 -18.15 -18.00
CA GLY C 80 -2.28 -19.55 -17.68
C GLY C 80 -3.10 -19.67 -16.42
N LEU C 81 -4.41 -19.83 -16.57
CA LEU C 81 -5.30 -19.73 -15.42
C LEU C 81 -5.21 -21.00 -14.56
N GLN C 82 -4.90 -20.81 -13.29
CA GLN C 82 -4.89 -21.88 -12.31
C GLN C 82 -6.04 -21.70 -11.34
N THR C 83 -6.33 -22.76 -10.58
CA THR C 83 -7.35 -22.64 -9.54
C THR C 83 -6.83 -21.81 -8.37
N GLY C 84 -5.50 -21.77 -8.16
CA GLY C 84 -4.93 -20.90 -7.15
C GLY C 84 -5.10 -19.42 -7.45
N ASP C 85 -5.37 -19.08 -8.72
CA ASP C 85 -5.56 -17.69 -9.10
C ASP C 85 -6.94 -17.16 -8.70
N GLU C 86 -7.82 -18.01 -8.19
CA GLU C 86 -9.16 -17.59 -7.80
C GLU C 86 -9.07 -16.75 -6.54
N ALA C 87 -9.14 -15.42 -6.70
CA ALA C 87 -8.99 -14.51 -5.58
C ALA C 87 -9.66 -13.19 -5.94
N ASP C 88 -9.40 -12.17 -5.12
CA ASP C 88 -9.84 -10.81 -5.39
C ASP C 88 -8.66 -10.00 -5.91
N TYR C 89 -8.93 -9.11 -6.88
CA TYR C 89 -7.89 -8.34 -7.53
C TYR C 89 -8.23 -6.86 -7.46
N TYR C 90 -7.27 -6.06 -7.00
CA TYR C 90 -7.45 -4.63 -6.82
C TYR C 90 -6.44 -3.87 -7.67
N CYS C 91 -6.86 -2.71 -8.17
CA CYS C 91 -5.98 -1.78 -8.86
C CYS C 91 -5.82 -0.53 -8.01
N GLY C 92 -4.58 -0.10 -7.82
CA GLY C 92 -4.30 1.09 -7.05
C GLY C 92 -3.45 2.06 -7.84
N THR C 93 -3.61 3.34 -7.52
CA THR C 93 -2.84 4.38 -8.17
C THR C 93 -2.90 5.64 -7.31
N TRP C 94 -2.10 6.62 -7.67
CA TRP C 94 -2.11 7.92 -7.03
C TRP C 94 -3.00 8.88 -7.81
N ASP C 95 -3.78 9.68 -7.09
CA ASP C 95 -4.66 10.69 -7.67
C ASP C 95 -4.07 12.05 -7.36
N SER C 96 -3.58 12.74 -8.39
CA SER C 96 -2.87 13.99 -8.19
C SER C 96 -3.77 15.15 -7.79
N ARG C 97 -5.10 14.97 -7.80
CA ARG C 97 -5.99 15.98 -7.29
C ARG C 97 -5.64 16.31 -5.83
N LEU C 98 -6.03 17.51 -5.41
CA LEU C 98 -5.42 18.17 -4.24
C LEU C 98 -5.19 17.23 -3.06
N SER C 99 -6.21 16.53 -2.60
CA SER C 99 -6.04 15.64 -1.46
C SER C 99 -6.78 14.33 -1.68
N ALA C 100 -6.75 13.81 -2.92
CA ALA C 100 -7.35 12.50 -3.16
C ALA C 100 -6.42 11.37 -2.75
N GLY C 101 -5.10 11.59 -2.84
CA GLY C 101 -4.11 10.63 -2.39
C GLY C 101 -4.19 9.32 -3.15
N VAL C 102 -3.91 8.23 -2.44
CA VAL C 102 -3.97 6.89 -3.01
C VAL C 102 -5.43 6.48 -3.14
N VAL C 103 -5.81 6.06 -4.34
CA VAL C 103 -7.17 5.57 -4.60
C VAL C 103 -7.08 4.16 -5.14
N PHE C 104 -8.14 3.38 -4.91
CA PHE C 104 -8.18 1.98 -5.28
C PHE C 104 -9.41 1.72 -6.14
N GLY C 105 -9.44 0.53 -6.73
CA GLY C 105 -10.65 0.06 -7.37
C GLY C 105 -11.53 -0.70 -6.40
N GLY C 106 -12.80 -0.85 -6.77
CA GLY C 106 -13.74 -1.57 -5.93
C GLY C 106 -13.37 -3.01 -5.68
N GLY C 107 -12.57 -3.59 -6.55
CA GLY C 107 -12.19 -4.99 -6.42
C GLY C 107 -12.90 -5.85 -7.44
N THR C 108 -12.25 -6.97 -7.79
CA THR C 108 -12.78 -7.89 -8.80
C THR C 108 -12.50 -9.31 -8.34
N LYS C 109 -13.55 -10.11 -8.19
CA LYS C 109 -13.40 -11.51 -7.82
C LYS C 109 -13.32 -12.36 -9.09
N LEU C 110 -12.21 -13.07 -9.25
CA LEU C 110 -11.99 -13.94 -10.40
C LEU C 110 -12.36 -15.37 -10.02
N THR C 111 -13.25 -15.98 -10.80
CA THR C 111 -13.69 -17.35 -10.58
C THR C 111 -13.26 -18.20 -11.76
N VAL C 112 -12.60 -19.31 -11.46
CA VAL C 112 -12.16 -20.25 -12.49
C VAL C 112 -13.27 -21.26 -12.75
N LEU C 113 -13.67 -21.34 -14.01
CA LEU C 113 -14.75 -22.25 -14.42
C LEU C 113 -14.19 -23.62 -14.74
N GLY C 114 -15.07 -24.62 -14.81
CA GLY C 114 -14.67 -25.99 -15.15
C GLY C 114 -14.07 -26.73 -13.98
N GLN C 115 -14.17 -26.18 -12.78
CA GLN C 115 -13.64 -26.84 -11.58
C GLN C 115 -14.54 -28.02 -11.24
N PRO C 116 -13.99 -29.19 -10.91
CA PRO C 116 -14.81 -30.34 -10.61
C PRO C 116 -15.73 -30.11 -9.42
N LYS C 117 -16.92 -30.69 -9.52
CA LYS C 117 -17.89 -30.64 -8.44
C LYS C 117 -17.32 -31.27 -7.17
N GLY C 118 -17.57 -30.64 -6.03
CA GLY C 118 -17.08 -31.13 -4.77
C GLY C 118 -18.18 -31.44 -3.78
N ALA C 119 -18.27 -32.71 -3.36
CA ALA C 119 -19.26 -33.09 -2.38
C ALA C 119 -18.87 -32.57 -1.00
N PRO C 120 -19.84 -32.11 -0.21
CA PRO C 120 -19.50 -31.51 1.09
C PRO C 120 -19.25 -32.56 2.14
N SER C 121 -18.11 -32.45 2.83
CA SER C 121 -17.76 -33.33 3.93
C SER C 121 -18.33 -32.76 5.22
N VAL C 122 -19.25 -33.48 5.84
CA VAL C 122 -20.03 -32.99 6.97
C VAL C 122 -19.59 -33.70 8.23
N THR C 123 -19.39 -32.94 9.31
CA THR C 123 -19.13 -33.47 10.64
C THR C 123 -20.06 -32.79 11.63
N LEU C 124 -20.73 -33.60 12.45
CA LEU C 124 -21.72 -33.09 13.40
C LEU C 124 -21.36 -33.57 14.80
N PHE C 125 -20.92 -32.65 15.66
CA PHE C 125 -20.59 -33.01 17.03
C PHE C 125 -21.81 -32.84 17.93
N PRO C 126 -22.08 -33.79 18.82
CA PRO C 126 -23.12 -33.60 19.83
C PRO C 126 -22.63 -32.63 20.89
N PRO C 127 -23.52 -32.17 21.77
CA PRO C 127 -23.06 -31.32 22.88
C PRO C 127 -22.11 -32.11 23.79
N SER C 128 -21.05 -31.44 24.22
CA SER C 128 -19.96 -32.11 24.89
C SER C 128 -20.26 -32.32 26.37
N SER C 129 -19.34 -32.98 27.06
CA SER C 129 -19.52 -33.28 28.48
C SER C 129 -19.48 -31.99 29.31
N GLU C 130 -18.48 -31.14 29.07
CA GLU C 130 -18.32 -29.93 29.88
C GLU C 130 -19.46 -28.94 29.64
N GLU C 131 -19.92 -28.81 28.39
CA GLU C 131 -20.98 -27.87 28.10
C GLU C 131 -22.30 -28.32 28.74
N LEU C 132 -22.57 -29.63 28.71
CA LEU C 132 -23.76 -30.14 29.39
C LEU C 132 -23.69 -29.88 30.88
N GLN C 133 -22.49 -29.94 31.47
CA GLN C 133 -22.31 -29.57 32.87
C GLN C 133 -22.62 -28.10 33.12
N ALA C 134 -22.50 -27.25 32.10
CA ALA C 134 -22.77 -25.82 32.23
C ALA C 134 -24.22 -25.47 31.90
N ASN C 135 -25.12 -26.46 31.91
CA ASN C 135 -26.56 -26.25 31.67
C ASN C 135 -26.82 -25.65 30.29
N LYS C 136 -25.94 -25.93 29.32
CA LYS C 136 -26.13 -25.49 27.95
C LYS C 136 -25.77 -26.64 27.02
N ALA C 137 -26.16 -26.50 25.75
CA ALA C 137 -25.91 -27.55 24.78
C ALA C 137 -25.95 -26.98 23.37
N THR C 138 -24.84 -27.05 22.66
CA THR C 138 -24.73 -26.57 21.28
C THR C 138 -24.31 -27.71 20.39
N LEU C 139 -25.07 -27.94 19.32
CA LEU C 139 -24.74 -28.94 18.32
C LEU C 139 -24.02 -28.27 17.16
N VAL C 140 -22.80 -28.70 16.89
CA VAL C 140 -21.92 -28.04 15.93
C VAL C 140 -21.82 -28.91 14.69
N CYS C 141 -22.38 -28.42 13.58
CA CYS C 141 -22.28 -29.08 12.28
C CYS C 141 -21.25 -28.35 11.45
N LEU C 142 -20.23 -29.07 11.00
CA LEU C 142 -19.15 -28.52 10.19
C LEU C 142 -19.21 -29.11 8.79
N ILE C 143 -19.13 -28.24 7.78
CA ILE C 143 -19.24 -28.63 6.38
C ILE C 143 -18.09 -27.98 5.61
N SER C 144 -17.29 -28.80 4.93
CA SER C 144 -16.12 -28.28 4.24
C SER C 144 -15.83 -29.10 2.98
N ASP C 145 -14.91 -28.59 2.19
CA ASP C 145 -14.35 -29.29 1.03
C ASP C 145 -15.40 -29.55 -0.06
N PHE C 146 -16.24 -28.55 -0.31
CA PHE C 146 -17.16 -28.55 -1.43
C PHE C 146 -16.84 -27.37 -2.31
N TYR C 147 -16.63 -27.61 -3.61
CA TYR C 147 -16.22 -26.47 -4.43
C TYR C 147 -17.42 -25.56 -4.77
N PRO C 148 -18.54 -26.07 -5.30
CA PRO C 148 -19.65 -25.15 -5.58
C PRO C 148 -20.27 -24.67 -4.28
N GLY C 149 -19.98 -23.42 -3.91
CA GLY C 149 -20.40 -22.89 -2.63
C GLY C 149 -21.84 -22.42 -2.62
N ALA C 150 -22.77 -23.34 -2.80
CA ALA C 150 -24.20 -23.05 -2.85
C ALA C 150 -24.96 -24.04 -1.98
N VAL C 151 -24.49 -24.24 -0.76
CA VAL C 151 -25.05 -25.25 0.13
C VAL C 151 -26.34 -24.71 0.77
N THR C 152 -27.26 -25.62 1.01
CA THR C 152 -28.45 -25.37 1.82
C THR C 152 -28.37 -26.27 3.04
N VAL C 153 -28.31 -25.65 4.22
CA VAL C 153 -28.27 -26.41 5.48
C VAL C 153 -29.67 -26.39 6.08
N ALA C 154 -30.06 -27.52 6.66
CA ALA C 154 -31.39 -27.66 7.23
C ALA C 154 -31.30 -28.57 8.44
N TRP C 155 -31.71 -28.06 9.60
CA TRP C 155 -31.72 -28.86 10.81
C TRP C 155 -33.07 -29.54 10.98
N LYS C 156 -33.05 -30.72 11.59
CA LYS C 156 -34.28 -31.44 11.88
C LYS C 156 -34.13 -32.14 13.22
N ALA C 157 -35.22 -32.21 13.97
CA ALA C 157 -35.25 -32.82 15.30
C ALA C 157 -36.30 -33.93 15.28
N ASP C 158 -35.84 -35.18 15.27
CA ASP C 158 -36.72 -36.35 15.20
C ASP C 158 -37.70 -36.22 14.04
N SER C 159 -37.14 -35.99 12.85
CA SER C 159 -37.84 -35.80 11.57
C SER C 159 -38.58 -34.47 11.48
N SER C 160 -38.47 -33.59 12.49
CA SER C 160 -39.20 -32.33 12.45
C SER C 160 -38.28 -31.17 12.13
N PRO C 161 -38.65 -30.29 11.20
CA PRO C 161 -37.80 -29.13 10.88
C PRO C 161 -37.93 -28.06 11.95
N VAL C 162 -36.78 -27.66 12.50
CA VAL C 162 -36.72 -26.71 13.61
C VAL C 162 -36.35 -25.34 13.07
N LYS C 163 -36.93 -24.31 13.66
CA LYS C 163 -36.63 -22.93 13.29
C LYS C 163 -35.78 -22.19 14.31
N ALA C 164 -35.98 -22.44 15.60
CA ALA C 164 -35.31 -21.72 16.66
C ALA C 164 -33.97 -22.35 17.01
N GLY C 165 -32.95 -21.51 17.15
CA GLY C 165 -31.64 -21.93 17.59
C GLY C 165 -30.61 -22.11 16.50
N VAL C 166 -31.02 -22.04 15.23
CA VAL C 166 -30.11 -22.30 14.11
C VAL C 166 -29.47 -20.99 13.68
N GLU C 167 -28.15 -20.98 13.62
CA GLU C 167 -27.37 -19.88 13.05
C GLU C 167 -26.30 -20.49 12.16
N THR C 168 -26.17 -19.98 10.94
CA THR C 168 -25.32 -20.60 9.93
C THR C 168 -24.33 -19.59 9.37
N THR C 169 -23.10 -20.04 9.17
CA THR C 169 -22.10 -19.24 8.48
C THR C 169 -22.50 -19.02 7.03
N THR C 170 -21.83 -18.08 6.38
CA THR C 170 -21.87 -18.08 4.93
C THR C 170 -20.59 -18.70 4.39
N PRO C 171 -20.65 -19.39 3.25
CA PRO C 171 -19.51 -20.20 2.80
C PRO C 171 -18.20 -19.42 2.77
N SER C 172 -17.13 -20.08 3.20
CA SER C 172 -15.79 -19.53 3.27
C SER C 172 -14.96 -20.05 2.10
N LYS C 173 -13.66 -19.76 2.13
CA LYS C 173 -12.71 -20.32 1.17
C LYS C 173 -11.42 -20.62 1.91
N GLN C 174 -10.81 -21.77 1.59
CA GLN C 174 -9.62 -22.21 2.31
C GLN C 174 -8.52 -22.59 1.33
N SER C 175 -7.44 -23.20 1.83
CA SER C 175 -6.28 -23.54 1.00
C SER C 175 -6.56 -24.60 -0.04
N ASN C 176 -7.72 -25.25 0.00
CA ASN C 176 -8.13 -26.18 -1.05
C ASN C 176 -8.90 -25.49 -2.18
N ASN C 177 -9.19 -24.19 -2.03
CA ASN C 177 -9.97 -23.38 -2.96
C ASN C 177 -11.44 -23.78 -2.97
N LYS C 178 -11.79 -24.85 -2.25
CA LYS C 178 -13.18 -25.18 -2.06
C LYS C 178 -13.74 -24.42 -0.86
N TYR C 179 -15.05 -24.45 -0.72
CA TYR C 179 -15.71 -23.66 0.32
C TYR C 179 -15.82 -24.46 1.61
N ALA C 180 -16.11 -23.74 2.70
CA ALA C 180 -16.26 -24.35 4.01
C ALA C 180 -17.39 -23.66 4.75
N ALA C 181 -18.02 -24.38 5.66
CA ALA C 181 -19.18 -23.85 6.36
C ALA C 181 -19.31 -24.49 7.73
N SER C 182 -20.28 -23.98 8.50
CA SER C 182 -20.52 -24.34 9.88
C SER C 182 -21.92 -23.85 10.25
N SER C 183 -22.64 -24.64 11.03
CA SER C 183 -23.94 -24.21 11.51
C SER C 183 -24.18 -24.75 12.92
N TYR C 184 -24.64 -23.87 13.81
CA TYR C 184 -24.83 -24.19 15.21
C TYR C 184 -26.32 -24.19 15.53
N LEU C 185 -26.79 -25.21 16.23
CA LEU C 185 -28.16 -25.26 16.72
C LEU C 185 -28.12 -25.16 18.23
N SER C 186 -28.67 -24.07 18.76
CA SER C 186 -28.71 -23.84 20.20
C SER C 186 -29.95 -24.49 20.79
N LEU C 187 -29.78 -25.14 21.93
CA LEU C 187 -30.90 -25.76 22.61
C LEU C 187 -30.55 -25.98 24.08
N THR C 188 -31.59 -26.05 24.90
CA THR C 188 -31.41 -26.44 26.30
C THR C 188 -31.06 -27.92 26.37
N PRO C 189 -30.35 -28.35 27.43
CA PRO C 189 -30.08 -29.79 27.58
C PRO C 189 -31.33 -30.63 27.57
N GLU C 190 -32.49 -30.02 27.78
CA GLU C 190 -33.77 -30.73 27.84
C GLU C 190 -34.28 -31.03 26.45
N GLN C 191 -34.31 -30.02 25.58
CA GLN C 191 -34.60 -30.26 24.17
C GLN C 191 -33.64 -31.28 23.57
N TRP C 192 -32.42 -31.33 24.11
CA TRP C 192 -31.45 -32.33 23.66
C TRP C 192 -31.94 -33.74 23.94
N LYS C 193 -32.42 -33.99 25.17
CA LYS C 193 -32.77 -35.34 25.59
C LYS C 193 -34.26 -35.64 25.48
N SER C 194 -35.10 -34.64 25.22
CA SER C 194 -36.49 -34.93 24.90
C SER C 194 -36.62 -35.56 23.52
N HIS C 195 -35.66 -35.33 22.64
CA HIS C 195 -35.53 -36.06 21.39
C HIS C 195 -34.35 -37.03 21.47
N ARG C 196 -34.27 -37.89 20.46
CA ARG C 196 -33.13 -38.86 20.35
C ARG C 196 -32.40 -38.74 19.00
N SER C 197 -32.93 -37.93 18.08
CA SER C 197 -32.26 -37.75 16.80
C SER C 197 -32.30 -36.27 16.41
N TYR C 198 -31.13 -35.67 16.32
CA TYR C 198 -30.95 -34.38 15.66
C TYR C 198 -30.08 -34.60 14.44
N SER C 199 -30.48 -34.02 13.31
CA SER C 199 -29.77 -34.20 12.07
C SER C 199 -29.36 -32.85 11.50
N CYS C 200 -28.33 -32.88 10.66
CA CYS C 200 -27.81 -31.70 9.95
C CYS C 200 -27.88 -32.01 8.46
N GLN C 201 -29.00 -31.67 7.84
CA GLN C 201 -29.21 -31.92 6.40
C GLN C 201 -28.51 -30.81 5.61
N VAL C 202 -27.43 -31.17 4.92
CA VAL C 202 -26.65 -30.26 4.09
C VAL C 202 -26.89 -30.64 2.63
N THR C 203 -27.61 -29.79 1.88
CA THR C 203 -27.88 -30.04 0.46
C THR C 203 -26.97 -29.16 -0.39
N HIS C 204 -26.25 -29.77 -1.32
CA HIS C 204 -25.29 -29.08 -2.16
C HIS C 204 -25.42 -29.66 -3.56
N GLU C 205 -25.91 -28.84 -4.50
CA GLU C 205 -26.13 -29.26 -5.89
C GLU C 205 -27.06 -30.47 -5.95
N GLY C 206 -28.27 -30.29 -5.43
CA GLY C 206 -29.29 -31.31 -5.51
C GLY C 206 -29.18 -32.39 -4.47
N SER C 207 -28.07 -33.14 -4.48
CA SER C 207 -27.89 -34.24 -3.54
C SER C 207 -27.52 -33.71 -2.16
N THR C 208 -27.95 -34.46 -1.13
CA THR C 208 -27.94 -34.00 0.25
C THR C 208 -27.19 -34.99 1.13
N VAL C 209 -26.18 -34.50 1.85
CA VAL C 209 -25.53 -35.26 2.91
C VAL C 209 -26.15 -34.83 4.23
N GLU C 210 -26.31 -35.78 5.15
CA GLU C 210 -26.81 -35.46 6.48
C GLU C 210 -26.21 -36.44 7.49
N LYS C 211 -25.92 -35.91 8.68
CA LYS C 211 -25.42 -36.69 9.79
C LYS C 211 -26.35 -36.53 10.98
N THR C 212 -26.44 -37.59 11.79
CA THR C 212 -27.37 -37.64 12.91
C THR C 212 -26.61 -38.02 14.17
N VAL C 213 -26.85 -37.28 15.25
CA VAL C 213 -26.23 -37.58 16.53
C VAL C 213 -27.32 -37.80 17.55
N ALA C 214 -26.93 -38.02 18.80
CA ALA C 214 -27.90 -38.65 19.67
C ALA C 214 -27.45 -38.59 21.12
N PRO C 215 -28.30 -38.13 22.06
CA PRO C 215 -28.03 -37.92 23.50
C PRO C 215 -27.34 -39.07 24.21
#